data_8QTR
#
_entry.id   8QTR
#
_cell.length_a   1.00
_cell.length_b   1.00
_cell.length_c   1.00
_cell.angle_alpha   90.00
_cell.angle_beta   90.00
_cell.angle_gamma   90.00
#
_symmetry.space_group_name_H-M   'P 1'
#
loop_
_entity.id
_entity.type
_entity.pdbx_description
1 polymer 'Ceramide synthase LAG1'
2 polymer 'Ceramide synthase LAC1'
3 polymer 'Ceramide synthase subunit LIP1'
4 non-polymer 1,2-Distearoyl-sn-glycerophosphoethanolamine
5 non-polymer Macrofusine
6 non-polymer 'hexacosanoic acid'
7 non-polymer '[(2S)-1-hexadecanoyloxy-3-[hydroxy-[(2S,3R,5S,6R)-2,3,4,5,6-pentahydroxycyclohexyl]oxy-phosphoryl]oxy-propan-2-yl] heptadecanoate'
8 non-polymer 'AMMONIUM ION'
#
loop_
_entity_poly.entity_id
_entity_poly.type
_entity_poly.pdbx_seq_one_letter_code
_entity_poly.pdbx_strand_id
1 'polypeptide(L)'
;YREMNYRHSWLTPFFILVCVYSAYFLSGNRTESNPLHMFVAISYQVDGTDSYAKGIKDLSFVFFYMIFFTFLREFLMDVV
IRPFTVYLNVTSEHRQKRMLEQMYAIFYCGVSGPFGLYIMYHSDLWLFKTKPMYRTYPVITNPFLFKIFYLGQAAFWAQQ
ACVLVLQLEKPRKDYKELVFHHIVTLLLIWSSYVFHFTKMGLAIYITMDVSDFFLSLSKTLNYLNSVFTPFVFGLFVFFW
IYLRHVVNIRILWSVLTEFRHEGNYVLNFATQQYKCWISLPIVFVLIAALQLVNLYWLFLILRILYRLI
;
A
2 'polypeptide(L)'
;ISYRHAWIAPLMILIAVYSAYFTSGNTTKTNVLHRFVAVSYQIGDTNAYGKGINDLCFVFYYMIFFTFLREFLMDVVIRP
FAIRLHVTSKHRIKRIMEQMYAIFYTGVSGPFGIYCMYHSDLWFFNTKAMYRTYPDFTNPFLFKVFYLGQAAFWAQQACI
LVLQLEKPRKDHNELTFHHIVTLLLIWSSYVFHFTKMGLPIYITMDVSDFLLSFSKTLNYLDSGLAFFSFAIFVVAWIYL
RHYINLKILWSVLTQFRTEGNYVLNFATQQYKCWISLPIVFVLIGALQLVNLYWLFLIFRVL
;
B
3 'polypeptide(L)'
;KIFNLFRVCFISLLLIAAVEYFKYGTRINYEWFHCTPIKEPQSGSVIKLWARGGPSCDKRGEYKTIVKRITRDYEPNDEH
LSFCIIENDNVPPVHYPIHEDKGEPGYVAYVGYDTDSELVQELCADSTIYHM
;
C,D
#
# COMPACT_ATOMS: atom_id res chain seq x y z
N TYR A 1 -4.41 -41.86 -23.96
CA TYR A 1 -4.63 -40.99 -22.81
C TYR A 1 -4.59 -39.52 -23.21
N ARG A 2 -3.41 -39.04 -23.57
CA ARG A 2 -3.24 -37.64 -23.96
C ARG A 2 -3.94 -37.34 -25.29
N GLU A 3 -4.14 -38.33 -26.15
CA GLU A 3 -4.84 -38.09 -27.41
C GLU A 3 -6.28 -37.66 -27.15
N MET A 4 -6.96 -38.31 -26.21
CA MET A 4 -8.32 -37.89 -25.84
C MET A 4 -8.32 -36.50 -25.24
N ASN A 5 -7.34 -36.20 -24.37
CA ASN A 5 -7.26 -34.88 -23.76
C ASN A 5 -7.00 -33.79 -24.78
N TYR A 6 -6.31 -34.12 -25.88
CA TYR A 6 -6.06 -33.12 -26.91
C TYR A 6 -7.35 -32.62 -27.55
N ARG A 7 -8.27 -33.53 -27.84
CA ARG A 7 -9.55 -33.16 -28.44
C ARG A 7 -10.64 -32.95 -27.40
N HIS A 8 -10.86 -33.95 -26.54
CA HIS A 8 -11.84 -33.83 -25.46
C HIS A 8 -11.20 -33.02 -24.34
N SER A 9 -11.24 -31.70 -24.49
CA SER A 9 -10.61 -30.79 -23.54
C SER A 9 -11.30 -30.78 -22.18
N TRP A 10 -12.49 -31.38 -22.07
CA TRP A 10 -13.21 -31.43 -20.80
C TRP A 10 -12.77 -32.58 -19.91
N LEU A 11 -11.79 -33.38 -20.34
CA LEU A 11 -11.38 -34.54 -19.54
C LEU A 11 -10.66 -34.11 -18.27
N THR A 12 -9.70 -33.20 -18.39
CA THR A 12 -8.97 -32.72 -17.20
C THR A 12 -9.87 -31.97 -16.22
N PRO A 13 -10.73 -31.02 -16.65
CA PRO A 13 -11.67 -30.43 -15.68
C PRO A 13 -12.60 -31.45 -15.06
N PHE A 14 -13.03 -32.45 -15.83
CA PHE A 14 -13.86 -33.52 -15.26
C PHE A 14 -13.09 -34.26 -14.18
N PHE A 15 -11.82 -34.58 -14.44
CA PHE A 15 -10.99 -35.27 -13.45
C PHE A 15 -10.86 -34.45 -12.18
N ILE A 16 -10.56 -33.16 -12.31
CA ILE A 16 -10.39 -32.30 -11.14
C ILE A 16 -11.70 -32.22 -10.35
N LEU A 17 -12.81 -31.98 -11.06
CA LEU A 17 -14.09 -31.87 -10.40
C LEU A 17 -14.48 -33.15 -9.68
N VAL A 18 -14.31 -34.30 -10.35
CA VAL A 18 -14.74 -35.56 -9.77
C VAL A 18 -13.85 -35.92 -8.58
N CYS A 19 -12.54 -35.65 -8.66
CA CYS A 19 -11.68 -35.96 -7.53
C CYS A 19 -12.02 -35.08 -6.32
N VAL A 20 -12.25 -33.79 -6.56
CA VAL A 20 -12.58 -32.89 -5.46
C VAL A 20 -13.91 -33.30 -4.82
N TYR A 21 -14.94 -33.55 -5.64
CA TYR A 21 -16.24 -33.92 -5.11
C TYR A 21 -16.20 -35.26 -4.39
N SER A 22 -15.50 -36.25 -4.96
CA SER A 22 -15.41 -37.56 -4.34
C SER A 22 -14.68 -37.48 -3.00
N ALA A 23 -13.58 -36.71 -2.94
CA ALA A 23 -12.89 -36.54 -1.67
C ALA A 23 -13.78 -35.86 -0.64
N TYR A 24 -14.50 -34.81 -1.06
CA TYR A 24 -15.37 -34.10 -0.13
C TYR A 24 -16.47 -35.00 0.42
N PHE A 25 -17.07 -35.83 -0.45
CA PHE A 25 -18.14 -36.70 0.00
C PHE A 25 -17.62 -37.89 0.80
N LEU A 26 -16.41 -38.39 0.49
CA LEU A 26 -15.85 -39.52 1.20
C LEU A 26 -15.29 -39.11 2.56
N SER A 27 -14.92 -37.84 2.73
CA SER A 27 -14.41 -37.40 4.02
C SER A 27 -15.47 -37.57 5.11
N GLY A 28 -16.73 -37.39 4.77
CA GLY A 28 -17.82 -37.59 5.71
C GLY A 28 -18.08 -36.46 6.66
N ASN A 29 -17.32 -35.37 6.58
CA ASN A 29 -17.52 -34.24 7.49
C ASN A 29 -18.65 -33.34 7.00
N ARG A 30 -18.51 -32.80 5.79
CA ARG A 30 -19.52 -31.94 5.18
C ARG A 30 -19.87 -30.75 6.08
N THR A 31 -18.84 -30.18 6.72
CA THR A 31 -18.99 -29.02 7.57
C THR A 31 -17.97 -27.96 7.15
N GLU A 32 -18.05 -26.80 7.80
CA GLU A 32 -17.10 -25.72 7.49
C GLU A 32 -15.68 -26.10 7.90
N SER A 33 -15.53 -27.00 8.88
CA SER A 33 -14.20 -27.46 9.26
C SER A 33 -13.53 -28.24 8.14
N ASN A 34 -14.31 -28.90 7.30
CA ASN A 34 -13.79 -29.58 6.12
C ASN A 34 -13.25 -28.53 5.16
N PRO A 35 -11.96 -28.57 4.81
CA PRO A 35 -11.44 -27.51 3.94
C PRO A 35 -11.73 -27.73 2.46
N LEU A 36 -12.39 -28.83 2.10
CA LEU A 36 -12.98 -28.94 0.76
C LEU A 36 -14.31 -28.23 0.65
N HIS A 37 -14.98 -27.99 1.79
CA HIS A 37 -16.17 -27.15 1.80
C HIS A 37 -15.86 -25.71 1.41
N MET A 38 -14.60 -25.29 1.55
CA MET A 38 -14.21 -23.94 1.15
C MET A 38 -14.31 -23.76 -0.36
N PHE A 39 -14.19 -24.84 -1.12
CA PHE A 39 -14.30 -24.81 -2.58
C PHE A 39 -15.62 -25.33 -3.09
N VAL A 40 -16.11 -26.43 -2.53
CA VAL A 40 -17.27 -27.12 -3.12
C VAL A 40 -18.53 -26.28 -2.95
N ALA A 41 -18.77 -25.76 -1.75
CA ALA A 41 -20.02 -25.08 -1.45
C ALA A 41 -19.74 -23.75 -0.75
N ILE A 42 -20.82 -22.99 -0.54
CA ILE A 42 -20.72 -21.71 0.15
C ILE A 42 -20.42 -21.96 1.62
N SER A 43 -19.42 -21.26 2.15
CA SER A 43 -18.89 -21.57 3.48
C SER A 43 -19.53 -20.74 4.59
N TYR A 44 -19.43 -19.41 4.50
CA TYR A 44 -19.86 -18.56 5.59
C TYR A 44 -21.38 -18.61 5.75
N GLN A 45 -21.83 -19.06 6.91
CA GLN A 45 -23.25 -19.09 7.25
C GLN A 45 -23.44 -18.48 8.63
N VAL A 46 -24.50 -17.70 8.79
CA VAL A 46 -24.80 -17.02 10.04
C VAL A 46 -25.69 -17.95 10.86
N ASP A 47 -25.09 -18.69 11.78
CA ASP A 47 -25.79 -19.61 12.69
C ASP A 47 -26.56 -20.62 11.84
N GLY A 48 -27.81 -20.93 12.17
CA GLY A 48 -28.56 -21.93 11.42
C GLY A 48 -29.55 -21.36 10.43
N THR A 49 -29.73 -20.05 10.45
CA THR A 49 -30.65 -19.42 9.52
C THR A 49 -30.06 -19.36 8.11
N ASP A 50 -30.93 -19.11 7.13
CA ASP A 50 -30.50 -19.07 5.74
C ASP A 50 -29.91 -17.70 5.39
N SER A 51 -28.95 -17.25 6.19
CA SER A 51 -28.23 -16.00 5.93
C SER A 51 -26.74 -16.31 5.86
N TYR A 52 -26.11 -15.91 4.76
CA TYR A 52 -24.72 -16.25 4.48
C TYR A 52 -23.91 -14.98 4.28
N ALA A 53 -22.75 -14.92 4.93
CA ALA A 53 -21.93 -13.72 4.91
C ALA A 53 -20.90 -13.78 3.78
N LYS A 54 -19.93 -12.87 3.80
CA LYS A 54 -18.89 -12.78 2.79
C LYS A 54 -17.52 -12.97 3.42
N GLY A 55 -16.56 -13.37 2.60
CA GLY A 55 -15.22 -13.57 3.10
C GLY A 55 -14.29 -14.08 2.02
N ILE A 56 -13.11 -14.53 2.44
CA ILE A 56 -12.07 -14.95 1.50
C ILE A 56 -12.50 -16.24 0.81
N LYS A 57 -13.16 -17.15 1.53
CA LYS A 57 -13.55 -18.42 0.94
C LYS A 57 -14.57 -18.28 -0.17
N ASP A 58 -15.22 -17.11 -0.31
CA ASP A 58 -16.09 -16.89 -1.44
C ASP A 58 -15.32 -16.72 -2.75
N LEU A 59 -14.09 -16.23 -2.69
CA LEU A 59 -13.23 -16.15 -3.86
C LEU A 59 -12.78 -17.54 -4.33
N SER A 60 -12.50 -18.44 -3.39
CA SER A 60 -12.13 -19.80 -3.75
C SER A 60 -13.31 -20.57 -4.32
N PHE A 61 -14.53 -20.28 -3.86
CA PHE A 61 -15.70 -20.88 -4.48
C PHE A 61 -15.82 -20.45 -5.93
N VAL A 62 -15.56 -19.17 -6.22
CA VAL A 62 -15.53 -18.69 -7.59
C VAL A 62 -14.43 -19.40 -8.37
N PHE A 63 -13.25 -19.58 -7.76
CA PHE A 63 -12.15 -20.23 -8.44
C PHE A 63 -12.49 -21.67 -8.82
N PHE A 64 -13.12 -22.40 -7.90
CA PHE A 64 -13.48 -23.80 -8.19
C PHE A 64 -14.62 -23.89 -9.20
N TYR A 65 -15.64 -23.04 -9.06
CA TYR A 65 -16.74 -23.11 -10.01
C TYR A 65 -16.38 -22.51 -11.37
N MET A 66 -15.27 -21.79 -11.48
CA MET A 66 -14.74 -21.46 -12.79
C MET A 66 -14.36 -22.72 -13.54
N ILE A 67 -13.64 -23.63 -12.87
CA ILE A 67 -13.31 -24.92 -13.45
C ILE A 67 -14.58 -25.73 -13.69
N PHE A 68 -15.54 -25.65 -12.76
CA PHE A 68 -16.80 -26.34 -12.93
C PHE A 68 -17.51 -25.90 -14.20
N PHE A 69 -17.57 -24.59 -14.45
CA PHE A 69 -18.26 -24.08 -15.63
C PHE A 69 -17.47 -24.34 -16.90
N THR A 70 -16.14 -24.29 -16.84
CA THR A 70 -15.34 -24.72 -17.99
C THR A 70 -15.69 -26.14 -18.37
N PHE A 71 -15.69 -27.05 -17.38
CA PHE A 71 -16.05 -28.44 -17.62
C PHE A 71 -17.45 -28.56 -18.20
N LEU A 72 -18.42 -27.86 -17.61
CA LEU A 72 -19.80 -27.99 -18.05
C LEU A 72 -19.96 -27.51 -19.49
N ARG A 73 -19.40 -26.35 -19.81
CA ARG A 73 -19.50 -25.81 -21.17
C ARG A 73 -18.86 -26.75 -22.17
N GLU A 74 -17.61 -27.17 -21.91
CA GLU A 74 -16.90 -28.00 -22.88
C GLU A 74 -17.58 -29.35 -23.04
N PHE A 75 -17.96 -29.99 -21.93
CA PHE A 75 -18.64 -31.26 -21.97
C PHE A 75 -19.94 -31.17 -22.77
N LEU A 76 -20.78 -30.18 -22.45
CA LEU A 76 -22.05 -30.04 -23.15
C LEU A 76 -21.82 -29.82 -24.64
N MET A 77 -20.88 -28.95 -24.99
CA MET A 77 -20.65 -28.62 -26.39
C MET A 77 -20.18 -29.84 -27.18
N ASP A 78 -19.27 -30.64 -26.62
CA ASP A 78 -18.75 -31.77 -27.38
C ASP A 78 -19.69 -32.97 -27.43
N VAL A 79 -20.34 -33.36 -26.32
CA VAL A 79 -21.10 -34.61 -26.36
C VAL A 79 -22.60 -34.39 -26.53
N VAL A 80 -23.15 -33.23 -26.17
CA VAL A 80 -24.59 -33.00 -26.21
C VAL A 80 -24.96 -32.01 -27.30
N ILE A 81 -24.36 -30.82 -27.28
CA ILE A 81 -24.78 -29.75 -28.18
C ILE A 81 -24.36 -30.08 -29.62
N ARG A 82 -23.12 -30.55 -29.80
CA ARG A 82 -22.64 -30.83 -31.17
C ARG A 82 -23.41 -31.94 -31.85
N PRO A 83 -23.65 -33.11 -31.24
CA PRO A 83 -24.52 -34.10 -31.89
C PRO A 83 -25.93 -33.61 -32.13
N PHE A 84 -26.46 -32.76 -31.25
CA PHE A 84 -27.78 -32.18 -31.50
C PHE A 84 -27.78 -31.31 -32.75
N THR A 85 -26.72 -30.51 -32.93
CA THR A 85 -26.60 -29.73 -34.15
C THR A 85 -26.46 -30.63 -35.37
N VAL A 86 -25.71 -31.72 -35.23
CA VAL A 86 -25.55 -32.68 -36.32
C VAL A 86 -26.91 -33.26 -36.71
N TYR A 87 -27.74 -33.58 -35.71
CA TYR A 87 -29.09 -34.07 -35.97
C TYR A 87 -29.94 -33.03 -36.69
N LEU A 88 -29.61 -31.75 -36.56
CA LEU A 88 -30.30 -30.70 -37.28
C LEU A 88 -29.81 -30.56 -38.72
N ASN A 89 -28.75 -31.25 -39.10
CA ASN A 89 -28.22 -31.27 -40.47
C ASN A 89 -27.81 -29.87 -40.91
N VAL A 90 -26.84 -29.31 -40.19
CA VAL A 90 -26.26 -28.01 -40.55
C VAL A 90 -25.10 -28.25 -41.50
N THR A 91 -25.16 -27.65 -42.68
CA THR A 91 -24.17 -27.89 -43.73
C THR A 91 -23.03 -26.87 -43.74
N SER A 92 -23.01 -25.94 -42.79
CA SER A 92 -21.97 -24.92 -42.73
C SER A 92 -21.18 -25.08 -41.43
N GLU A 93 -19.85 -25.13 -41.56
CA GLU A 93 -19.00 -25.29 -40.39
C GLU A 93 -19.07 -24.05 -39.48
N HIS A 94 -18.99 -22.85 -40.06
CA HIS A 94 -19.05 -21.64 -39.27
C HIS A 94 -20.40 -21.50 -38.58
N ARG A 95 -21.49 -21.81 -39.28
CA ARG A 95 -22.81 -21.74 -38.69
C ARG A 95 -22.96 -22.73 -37.54
N GLN A 96 -22.41 -23.94 -37.71
CA GLN A 96 -22.44 -24.92 -36.62
C GLN A 96 -21.62 -24.45 -35.43
N LYS A 97 -20.45 -23.86 -35.68
CA LYS A 97 -19.63 -23.36 -34.59
C LYS A 97 -20.34 -22.25 -33.83
N ARG A 98 -21.02 -21.36 -34.55
CA ARG A 98 -21.79 -20.31 -33.89
C ARG A 98 -22.97 -20.90 -33.12
N MET A 99 -23.65 -21.89 -33.69
CA MET A 99 -24.77 -22.52 -33.00
C MET A 99 -24.31 -23.19 -31.72
N LEU A 100 -23.09 -23.70 -31.69
CA LEU A 100 -22.58 -24.32 -30.46
C LEU A 100 -22.64 -23.32 -29.31
N GLU A 101 -22.05 -22.14 -29.51
CA GLU A 101 -22.07 -21.11 -28.47
C GLU A 101 -23.48 -20.62 -28.20
N GLN A 102 -24.30 -20.49 -29.25
CA GLN A 102 -25.65 -19.98 -29.06
C GLN A 102 -26.50 -20.93 -28.22
N MET A 103 -26.40 -22.24 -28.45
CA MET A 103 -27.12 -23.19 -27.62
C MET A 103 -26.55 -23.28 -26.21
N TYR A 104 -25.23 -23.13 -26.05
CA TYR A 104 -24.69 -23.09 -24.70
C TYR A 104 -25.24 -21.89 -23.93
N ALA A 105 -25.29 -20.72 -24.58
CA ALA A 105 -25.86 -19.55 -23.95
C ALA A 105 -27.35 -19.73 -23.70
N ILE A 106 -28.06 -20.41 -24.60
CA ILE A 106 -29.47 -20.70 -24.40
C ILE A 106 -29.64 -21.52 -23.12
N PHE A 107 -28.83 -22.55 -22.96
CA PHE A 107 -28.93 -23.39 -21.77
C PHE A 107 -28.63 -22.59 -20.50
N TYR A 108 -27.53 -21.82 -20.53
CA TYR A 108 -27.15 -21.09 -19.32
C TYR A 108 -28.19 -20.04 -18.95
N CYS A 109 -28.74 -19.33 -19.93
CA CYS A 109 -29.70 -18.27 -19.64
C CYS A 109 -31.12 -18.78 -19.48
N GLY A 110 -31.38 -20.05 -19.81
CA GLY A 110 -32.67 -20.64 -19.53
C GLY A 110 -32.65 -21.41 -18.24
N VAL A 111 -31.44 -21.61 -17.69
CA VAL A 111 -31.31 -22.15 -16.35
C VAL A 111 -31.19 -21.05 -15.31
N SER A 112 -30.30 -20.08 -15.54
CA SER A 112 -30.09 -19.00 -14.59
C SER A 112 -31.18 -17.94 -14.64
N GLY A 113 -31.85 -17.79 -15.79
CA GLY A 113 -32.92 -16.85 -15.93
C GLY A 113 -34.09 -17.16 -15.02
N PRO A 114 -34.70 -18.33 -15.21
CA PRO A 114 -35.70 -18.79 -14.24
C PRO A 114 -35.15 -18.91 -12.83
N PHE A 115 -33.86 -19.18 -12.69
CA PHE A 115 -33.24 -19.15 -11.36
C PHE A 115 -33.34 -17.76 -10.74
N GLY A 116 -33.02 -16.73 -11.54
CA GLY A 116 -33.16 -15.37 -11.05
C GLY A 116 -34.60 -15.02 -10.71
N LEU A 117 -35.53 -15.41 -11.58
CA LEU A 117 -36.94 -15.17 -11.30
C LEU A 117 -37.37 -15.84 -10.01
N TYR A 118 -36.92 -17.07 -9.78
CA TYR A 118 -37.29 -17.81 -8.58
C TYR A 118 -36.72 -17.15 -7.32
N ILE A 119 -35.45 -16.73 -7.37
CA ILE A 119 -34.87 -16.14 -6.16
C ILE A 119 -35.50 -14.77 -5.91
N MET A 120 -35.80 -14.01 -6.97
CA MET A 120 -36.51 -12.75 -6.79
C MET A 120 -37.90 -12.96 -6.21
N TYR A 121 -38.60 -14.01 -6.64
CA TYR A 121 -39.95 -14.26 -6.15
C TYR A 121 -39.95 -14.51 -4.65
N HIS A 122 -38.94 -15.20 -4.13
CA HIS A 122 -38.81 -15.44 -2.70
C HIS A 122 -38.31 -14.23 -1.94
N SER A 123 -38.15 -13.09 -2.59
CA SER A 123 -37.71 -11.85 -1.96
C SER A 123 -38.80 -10.80 -2.14
N ASP A 124 -38.50 -9.58 -1.70
CA ASP A 124 -39.41 -8.45 -1.82
C ASP A 124 -39.22 -7.68 -3.12
N LEU A 125 -38.33 -8.14 -3.99
CA LEU A 125 -38.00 -7.47 -5.25
C LEU A 125 -38.88 -7.89 -6.42
N TRP A 126 -40.04 -8.47 -6.14
CA TRP A 126 -40.89 -8.97 -7.23
C TRP A 126 -41.29 -7.84 -8.18
N LEU A 127 -41.28 -8.15 -9.47
CA LEU A 127 -41.58 -7.18 -10.53
C LEU A 127 -40.63 -5.99 -10.46
N PHE A 128 -39.38 -6.25 -10.07
CA PHE A 128 -38.34 -5.23 -10.00
C PHE A 128 -38.78 -4.03 -9.16
N LYS A 129 -39.29 -4.32 -7.96
CA LYS A 129 -39.73 -3.27 -7.07
C LYS A 129 -38.57 -2.37 -6.69
N THR A 130 -38.78 -1.06 -6.75
CA THR A 130 -37.67 -0.11 -6.61
C THR A 130 -37.23 0.06 -5.16
N LYS A 131 -38.18 0.04 -4.21
CA LYS A 131 -37.84 0.25 -2.81
C LYS A 131 -36.91 -0.82 -2.22
N PRO A 132 -37.14 -2.12 -2.40
CA PRO A 132 -36.44 -3.10 -1.55
C PRO A 132 -34.91 -3.06 -1.59
N MET A 133 -34.29 -2.74 -2.73
CA MET A 133 -32.83 -2.86 -2.77
C MET A 133 -32.12 -1.81 -1.92
N TYR A 134 -32.82 -0.77 -1.45
CA TYR A 134 -32.21 0.23 -0.60
C TYR A 134 -32.77 0.24 0.81
N ARG A 135 -33.83 -0.53 1.09
CA ARG A 135 -34.39 -0.56 2.43
C ARG A 135 -33.44 -1.21 3.43
N THR A 136 -32.83 -2.33 3.06
CA THR A 136 -32.02 -3.13 3.97
C THR A 136 -30.52 -2.93 3.76
N TYR A 137 -30.12 -1.91 3.01
CA TYR A 137 -28.70 -1.66 2.81
C TYR A 137 -28.05 -1.25 4.13
N PRO A 138 -26.84 -1.76 4.43
CA PRO A 138 -26.06 -2.71 3.65
C PRO A 138 -26.54 -4.15 3.82
N VAL A 139 -26.54 -4.94 2.74
CA VAL A 139 -26.92 -6.36 2.82
C VAL A 139 -25.63 -7.13 3.09
N ILE A 140 -25.25 -7.18 4.37
CA ILE A 140 -24.01 -7.85 4.73
C ILE A 140 -24.15 -9.37 4.57
N THR A 141 -25.28 -9.92 4.96
CA THR A 141 -25.53 -11.35 4.89
C THR A 141 -26.49 -11.65 3.73
N ASN A 142 -26.10 -12.59 2.87
CA ASN A 142 -26.90 -12.95 1.72
C ASN A 142 -27.67 -14.24 1.96
N PRO A 143 -28.87 -14.37 1.40
CA PRO A 143 -29.62 -15.63 1.53
C PRO A 143 -28.90 -16.77 0.81
N PHE A 144 -29.33 -17.98 1.14
CA PHE A 144 -28.69 -19.21 0.66
C PHE A 144 -28.73 -19.30 -0.86
N LEU A 145 -29.92 -19.38 -1.43
CA LEU A 145 -30.07 -19.45 -2.88
C LEU A 145 -29.59 -18.16 -3.55
N PHE A 146 -29.81 -17.02 -2.89
CA PHE A 146 -29.36 -15.74 -3.40
C PHE A 146 -27.84 -15.70 -3.55
N LYS A 147 -27.12 -16.10 -2.50
CA LYS A 147 -25.67 -16.16 -2.57
C LYS A 147 -25.18 -17.20 -3.56
N ILE A 148 -25.88 -18.34 -3.66
CA ILE A 148 -25.50 -19.33 -4.66
C ILE A 148 -25.62 -18.75 -6.06
N PHE A 149 -26.71 -18.02 -6.33
CA PHE A 149 -26.88 -17.39 -7.64
C PHE A 149 -25.76 -16.41 -7.93
N TYR A 150 -25.49 -15.49 -6.99
CA TYR A 150 -24.42 -14.53 -7.18
C TYR A 150 -23.07 -15.20 -7.41
N LEU A 151 -22.73 -16.18 -6.57
CA LEU A 151 -21.42 -16.80 -6.64
C LEU A 151 -21.24 -17.61 -7.93
N GLY A 152 -22.28 -18.37 -8.31
CA GLY A 152 -22.19 -19.13 -9.54
C GLY A 152 -22.13 -18.24 -10.77
N GLN A 153 -22.90 -17.15 -10.78
CA GLN A 153 -22.85 -16.24 -11.91
C GLN A 153 -21.49 -15.54 -12.00
N ALA A 154 -20.92 -15.16 -10.85
CA ALA A 154 -19.58 -14.57 -10.85
C ALA A 154 -18.56 -15.55 -11.38
N ALA A 155 -18.64 -16.81 -10.95
CA ALA A 155 -17.70 -17.81 -11.46
C ALA A 155 -17.86 -18.02 -12.95
N PHE A 156 -19.11 -18.08 -13.44
CA PHE A 156 -19.34 -18.27 -14.87
C PHE A 156 -18.80 -17.11 -15.69
N TRP A 157 -19.05 -15.88 -15.24
CA TRP A 157 -18.58 -14.72 -16.00
C TRP A 157 -17.05 -14.60 -15.94
N ALA A 158 -16.45 -14.93 -14.80
CA ALA A 158 -14.99 -14.96 -14.73
C ALA A 158 -14.43 -16.02 -15.67
N GLN A 159 -15.07 -17.19 -15.74
CA GLN A 159 -14.64 -18.23 -16.65
C GLN A 159 -14.73 -17.77 -18.10
N GLN A 160 -15.84 -17.12 -18.47
CA GLN A 160 -16.01 -16.63 -19.83
C GLN A 160 -14.97 -15.55 -20.16
N ALA A 161 -14.71 -14.65 -19.22
CA ALA A 161 -13.71 -13.62 -19.44
C ALA A 161 -12.32 -14.24 -19.61
N CYS A 162 -12.00 -15.26 -18.80
CA CYS A 162 -10.71 -15.94 -18.93
C CYS A 162 -10.61 -16.63 -20.29
N VAL A 163 -11.66 -17.32 -20.72
CA VAL A 163 -11.65 -17.99 -22.01
C VAL A 163 -11.45 -16.97 -23.12
N LEU A 164 -12.12 -15.82 -23.02
CA LEU A 164 -11.92 -14.75 -24.00
C LEU A 164 -10.49 -14.24 -23.97
N VAL A 165 -9.87 -14.22 -22.79
CA VAL A 165 -8.48 -13.76 -22.67
C VAL A 165 -7.56 -14.69 -23.45
N LEU A 166 -7.73 -16.00 -23.29
CA LEU A 166 -7.01 -16.98 -24.12
C LEU A 166 -7.67 -17.00 -25.49
N GLN A 167 -7.33 -16.00 -26.30
CA GLN A 167 -7.92 -15.88 -27.63
C GLN A 167 -7.46 -17.04 -28.51
N LEU A 168 -8.39 -17.95 -28.79
CA LEU A 168 -8.14 -19.10 -29.65
C LEU A 168 -8.86 -19.02 -30.98
N GLU A 169 -10.09 -18.51 -31.00
CA GLU A 169 -10.83 -18.29 -32.23
C GLU A 169 -10.58 -16.88 -32.76
N LYS A 170 -10.95 -16.66 -34.01
CA LYS A 170 -10.76 -15.36 -34.64
C LYS A 170 -11.64 -14.32 -33.95
N PRO A 171 -11.13 -13.13 -33.67
CA PRO A 171 -11.95 -12.09 -33.04
C PRO A 171 -13.13 -11.68 -33.91
N ARG A 172 -14.33 -11.87 -33.38
CA ARG A 172 -15.55 -11.50 -34.07
C ARG A 172 -15.72 -9.99 -34.11
N LYS A 173 -16.75 -9.54 -34.83
CA LYS A 173 -16.94 -8.12 -35.09
C LYS A 173 -17.19 -7.34 -33.80
N ASP A 174 -18.00 -7.89 -32.91
CA ASP A 174 -18.34 -7.23 -31.66
C ASP A 174 -17.34 -7.52 -30.55
N TYR A 175 -16.14 -8.00 -30.90
CA TYR A 175 -15.13 -8.29 -29.88
C TYR A 175 -14.69 -7.02 -29.17
N LYS A 176 -14.70 -5.88 -29.86
CA LYS A 176 -14.36 -4.62 -29.21
C LYS A 176 -15.34 -4.29 -28.11
N GLU A 177 -16.62 -4.54 -28.34
CA GLU A 177 -17.65 -4.27 -27.35
C GLU A 177 -17.92 -5.44 -26.41
N LEU A 178 -17.72 -6.68 -26.87
CA LEU A 178 -17.95 -7.82 -25.99
C LEU A 178 -16.88 -7.93 -24.91
N VAL A 179 -15.64 -7.53 -25.21
CA VAL A 179 -14.62 -7.50 -24.17
C VAL A 179 -14.98 -6.46 -23.11
N PHE A 180 -15.52 -5.31 -23.52
CA PHE A 180 -15.99 -4.32 -22.57
C PHE A 180 -17.16 -4.86 -21.76
N HIS A 181 -18.05 -5.62 -22.41
CA HIS A 181 -19.19 -6.19 -21.69
C HIS A 181 -18.74 -7.21 -20.66
N HIS A 182 -17.76 -8.05 -21.00
CA HIS A 182 -17.24 -8.99 -20.01
C HIS A 182 -16.56 -8.26 -18.86
N ILE A 183 -15.78 -7.22 -19.17
CA ILE A 183 -15.12 -6.44 -18.13
C ILE A 183 -16.16 -5.83 -17.20
N VAL A 184 -17.23 -5.27 -17.76
CA VAL A 184 -18.25 -4.65 -16.93
C VAL A 184 -19.07 -5.68 -16.17
N THR A 185 -19.27 -6.88 -16.72
CA THR A 185 -19.88 -7.95 -15.92
C THR A 185 -19.07 -8.24 -14.68
N LEU A 186 -17.77 -8.50 -14.86
CA LEU A 186 -16.93 -8.81 -13.69
C LEU A 186 -16.89 -7.66 -12.72
N LEU A 187 -16.72 -6.44 -13.23
CA LEU A 187 -16.66 -5.27 -12.35
C LEU A 187 -17.95 -5.07 -11.58
N LEU A 188 -19.09 -5.14 -12.27
CA LEU A 188 -20.38 -4.94 -11.62
C LEU A 188 -20.68 -6.01 -10.60
N ILE A 189 -20.45 -7.27 -10.94
CA ILE A 189 -20.72 -8.35 -9.99
C ILE A 189 -19.82 -8.25 -8.77
N TRP A 190 -18.51 -8.06 -8.98
CA TRP A 190 -17.58 -7.97 -7.87
C TRP A 190 -17.82 -6.74 -7.01
N SER A 191 -18.22 -5.62 -7.60
CA SER A 191 -18.50 -4.43 -6.80
C SER A 191 -19.82 -4.56 -6.04
N SER A 192 -20.86 -5.08 -6.69
CA SER A 192 -22.14 -5.23 -6.02
C SER A 192 -22.08 -6.24 -4.88
N TYR A 193 -21.37 -7.35 -5.08
CA TYR A 193 -21.23 -8.34 -4.02
C TYR A 193 -20.35 -7.84 -2.88
N VAL A 194 -19.19 -7.25 -3.19
CA VAL A 194 -18.25 -6.83 -2.15
C VAL A 194 -18.81 -5.63 -1.39
N PHE A 195 -19.37 -4.65 -2.09
CA PHE A 195 -19.84 -3.42 -1.48
C PHE A 195 -21.30 -3.52 -1.02
N HIS A 196 -21.78 -4.73 -0.75
CA HIS A 196 -23.08 -5.00 -0.15
C HIS A 196 -24.25 -4.55 -1.01
N PHE A 197 -24.00 -4.14 -2.25
CA PHE A 197 -25.09 -3.83 -3.18
C PHE A 197 -25.60 -5.09 -3.89
N THR A 198 -25.92 -6.11 -3.08
CA THR A 198 -26.23 -7.42 -3.66
C THR A 198 -27.71 -7.54 -4.02
N LYS A 199 -28.59 -6.89 -3.26
CA LYS A 199 -30.01 -6.95 -3.59
C LYS A 199 -30.29 -6.25 -4.91
N MET A 200 -29.64 -5.11 -5.14
CA MET A 200 -29.89 -4.29 -6.32
C MET A 200 -29.41 -4.93 -7.61
N GLY A 201 -28.34 -5.72 -7.58
CA GLY A 201 -27.85 -6.37 -8.78
C GLY A 201 -28.67 -7.54 -9.27
N LEU A 202 -29.59 -8.05 -8.46
CA LEU A 202 -30.46 -9.13 -8.91
C LEU A 202 -31.41 -8.64 -9.99
N ALA A 203 -31.97 -7.45 -9.81
CA ALA A 203 -32.85 -6.85 -10.81
C ALA A 203 -32.14 -6.59 -12.14
N ILE A 204 -30.81 -6.48 -12.13
CA ILE A 204 -30.03 -6.38 -13.36
C ILE A 204 -29.55 -7.74 -13.84
N TYR A 205 -29.33 -8.70 -12.94
CA TYR A 205 -29.09 -10.08 -13.34
C TYR A 205 -30.25 -10.63 -14.17
N ILE A 206 -31.48 -10.39 -13.71
CA ILE A 206 -32.64 -11.07 -14.30
C ILE A 206 -32.93 -10.53 -15.70
N THR A 207 -32.87 -9.21 -15.88
CA THR A 207 -33.05 -8.63 -17.20
C THR A 207 -31.99 -9.15 -18.17
N MET A 208 -30.73 -9.16 -17.71
CA MET A 208 -29.65 -9.75 -18.51
C MET A 208 -29.96 -11.18 -18.91
N ASP A 209 -30.33 -12.02 -17.95
CA ASP A 209 -30.51 -13.44 -18.23
C ASP A 209 -31.64 -13.66 -19.22
N VAL A 210 -32.77 -12.99 -19.02
CA VAL A 210 -33.91 -13.20 -19.90
C VAL A 210 -33.63 -12.66 -21.30
N SER A 211 -33.07 -11.45 -21.39
CA SER A 211 -32.78 -10.87 -22.70
C SER A 211 -31.74 -11.71 -23.44
N ASP A 212 -30.72 -12.20 -22.74
CA ASP A 212 -29.72 -13.04 -23.38
C ASP A 212 -30.30 -14.37 -23.81
N PHE A 213 -31.20 -14.95 -23.01
CA PHE A 213 -31.85 -16.20 -23.40
C PHE A 213 -32.61 -16.03 -24.69
N PHE A 214 -33.41 -14.97 -24.80
CA PHE A 214 -34.17 -14.77 -26.03
C PHE A 214 -33.29 -14.35 -27.20
N LEU A 215 -32.20 -13.63 -26.93
CA LEU A 215 -31.25 -13.28 -27.97
C LEU A 215 -30.59 -14.52 -28.56
N SER A 216 -30.14 -15.42 -27.69
CA SER A 216 -29.53 -16.66 -28.14
C SER A 216 -30.55 -17.56 -28.83
N LEU A 217 -31.80 -17.55 -28.37
CA LEU A 217 -32.85 -18.27 -29.08
C LEU A 217 -33.04 -17.72 -30.48
N SER A 218 -32.99 -16.39 -30.62
CA SER A 218 -33.14 -15.77 -31.93
C SER A 218 -32.01 -16.18 -32.86
N LYS A 219 -30.76 -16.07 -32.39
CA LYS A 219 -29.64 -16.50 -33.23
C LYS A 219 -29.71 -17.99 -33.55
N THR A 220 -30.09 -18.81 -32.58
CA THR A 220 -30.17 -20.26 -32.82
C THR A 220 -31.21 -20.57 -33.88
N LEU A 221 -32.37 -19.91 -33.81
CA LEU A 221 -33.42 -20.18 -34.79
C LEU A 221 -33.05 -19.64 -36.17
N ASN A 222 -32.36 -18.50 -36.22
CA ASN A 222 -31.94 -17.98 -37.52
C ASN A 222 -30.86 -18.86 -38.16
N TYR A 223 -29.89 -19.30 -37.36
CA TYR A 223 -28.85 -20.19 -37.87
C TYR A 223 -29.45 -21.53 -38.28
N LEU A 224 -30.46 -21.99 -37.54
CA LEU A 224 -31.22 -23.18 -37.91
C LEU A 224 -32.05 -22.97 -39.17
N ASN A 225 -32.21 -21.72 -39.61
CA ASN A 225 -33.05 -21.38 -40.76
C ASN A 225 -34.49 -21.80 -40.54
N SER A 226 -34.98 -21.61 -39.32
CA SER A 226 -36.36 -21.94 -38.99
C SER A 226 -37.32 -20.90 -39.56
N VAL A 227 -38.58 -21.31 -39.69
CA VAL A 227 -39.60 -20.39 -40.20
C VAL A 227 -40.24 -19.57 -39.08
N PHE A 228 -40.13 -20.03 -37.83
CA PHE A 228 -40.74 -19.35 -36.69
C PHE A 228 -39.84 -18.29 -36.08
N THR A 229 -38.83 -17.83 -36.81
CA THR A 229 -37.90 -16.84 -36.28
C THR A 229 -38.47 -15.42 -36.14
N PRO A 230 -39.38 -14.94 -37.01
CA PRO A 230 -39.85 -13.56 -36.80
C PRO A 230 -40.64 -13.37 -35.52
N PHE A 231 -41.50 -14.32 -35.16
CA PHE A 231 -42.27 -14.21 -33.92
C PHE A 231 -41.35 -14.23 -32.70
N VAL A 232 -40.36 -15.12 -32.70
CA VAL A 232 -39.43 -15.20 -31.58
C VAL A 232 -38.58 -13.93 -31.50
N PHE A 233 -38.20 -13.37 -32.65
CA PHE A 233 -37.42 -12.14 -32.64
C PHE A 233 -38.24 -10.95 -32.16
N GLY A 234 -39.53 -10.93 -32.51
CA GLY A 234 -40.40 -9.89 -31.98
C GLY A 234 -40.57 -9.98 -30.48
N LEU A 235 -40.77 -11.20 -29.96
CA LEU A 235 -40.81 -11.38 -28.51
C LEU A 235 -39.48 -10.96 -27.87
N PHE A 236 -38.36 -11.30 -28.52
CA PHE A 236 -37.06 -10.93 -27.99
C PHE A 236 -36.89 -9.42 -27.93
N VAL A 237 -37.29 -8.71 -28.98
CA VAL A 237 -37.09 -7.26 -28.99
C VAL A 237 -38.01 -6.58 -27.98
N PHE A 238 -39.26 -7.07 -27.86
CA PHE A 238 -40.16 -6.53 -26.86
C PHE A 238 -39.59 -6.71 -25.45
N PHE A 239 -39.16 -7.92 -25.11
CA PHE A 239 -38.64 -8.16 -23.78
C PHE A 239 -37.28 -7.48 -23.57
N TRP A 240 -36.48 -7.34 -24.62
CA TRP A 240 -35.23 -6.60 -24.53
C TRP A 240 -35.49 -5.16 -24.15
N ILE A 241 -36.39 -4.49 -24.86
CA ILE A 241 -36.74 -3.12 -24.51
C ILE A 241 -37.24 -3.06 -23.08
N TYR A 242 -38.21 -3.92 -22.73
CA TYR A 242 -38.84 -3.84 -21.42
C TYR A 242 -37.85 -4.06 -20.29
N LEU A 243 -36.92 -5.00 -20.45
CA LEU A 243 -36.00 -5.38 -19.38
C LEU A 243 -34.74 -4.51 -19.38
N ARG A 244 -33.98 -4.54 -20.47
CA ARG A 244 -32.72 -3.82 -20.51
C ARG A 244 -32.89 -2.32 -20.66
N HIS A 245 -34.09 -1.83 -20.97
CA HIS A 245 -34.29 -0.39 -21.06
C HIS A 245 -35.30 0.15 -20.08
N VAL A 246 -36.54 -0.37 -20.08
CA VAL A 246 -37.55 0.15 -19.17
C VAL A 246 -37.17 -0.15 -17.72
N VAL A 247 -36.85 -1.40 -17.42
CA VAL A 247 -36.47 -1.77 -16.06
C VAL A 247 -35.14 -1.14 -15.69
N ASN A 248 -34.20 -1.12 -16.64
CA ASN A 248 -32.89 -0.50 -16.35
C ASN A 248 -33.02 1.00 -16.13
N ILE A 249 -33.86 1.67 -16.91
CA ILE A 249 -34.09 3.10 -16.67
C ILE A 249 -34.80 3.32 -15.34
N ARG A 250 -35.70 2.42 -14.95
CA ARG A 250 -36.32 2.54 -13.64
C ARG A 250 -35.30 2.39 -12.53
N ILE A 251 -34.37 1.45 -12.68
CA ILE A 251 -33.31 1.26 -11.70
C ILE A 251 -32.41 2.50 -11.63
N LEU A 252 -32.07 3.06 -12.80
CA LEU A 252 -31.26 4.27 -12.84
C LEU A 252 -31.98 5.44 -12.18
N TRP A 253 -33.29 5.56 -12.40
CA TRP A 253 -34.06 6.63 -11.78
C TRP A 253 -34.13 6.45 -10.27
N SER A 254 -34.22 5.20 -9.81
CA SER A 254 -34.14 4.93 -8.38
C SER A 254 -32.78 5.34 -7.83
N VAL A 255 -31.71 5.07 -8.60
CA VAL A 255 -30.37 5.52 -8.20
C VAL A 255 -30.32 7.05 -8.14
N LEU A 256 -31.07 7.74 -9.01
CA LEU A 256 -31.06 9.20 -8.99
C LEU A 256 -31.80 9.75 -7.78
N THR A 257 -32.97 9.21 -7.47
CA THR A 257 -33.82 9.76 -6.42
C THR A 257 -33.98 8.83 -5.24
N GLU A 258 -34.39 7.58 -5.47
CA GLU A 258 -34.65 6.64 -4.39
C GLU A 258 -33.39 6.15 -3.71
N PHE A 259 -32.21 6.43 -4.27
CA PHE A 259 -30.96 6.13 -3.58
C PHE A 259 -30.82 6.96 -2.31
N ARG A 260 -31.26 8.22 -2.33
CA ARG A 260 -31.12 9.12 -1.19
C ARG A 260 -32.33 9.05 -0.27
N HIS A 261 -33.52 9.31 -0.81
CA HIS A 261 -34.72 9.51 0.01
C HIS A 261 -35.20 8.26 0.70
N GLU A 262 -34.77 7.07 0.28
CA GLU A 262 -35.26 5.82 0.82
C GLU A 262 -34.11 5.05 1.45
N GLY A 263 -34.28 4.64 2.69
CA GLY A 263 -33.23 3.97 3.44
C GLY A 263 -32.25 4.95 4.06
N ASN A 264 -31.31 4.40 4.81
CA ASN A 264 -30.31 5.23 5.48
C ASN A 264 -29.29 5.71 4.45
N TYR A 265 -29.03 7.02 4.46
CA TYR A 265 -28.21 7.66 3.43
C TYR A 265 -26.90 8.24 3.96
N VAL A 266 -26.75 8.38 5.27
CA VAL A 266 -25.52 8.94 5.82
C VAL A 266 -24.40 7.92 5.69
N LEU A 267 -23.24 8.38 5.21
CA LEU A 267 -22.09 7.51 5.06
C LEU A 267 -21.59 7.05 6.42
N ASN A 268 -21.25 5.77 6.53
CA ASN A 268 -20.76 5.21 7.79
C ASN A 268 -19.79 4.08 7.44
N PHE A 269 -18.49 4.36 7.53
CA PHE A 269 -17.49 3.33 7.27
C PHE A 269 -17.46 2.29 8.39
N ALA A 270 -17.85 2.68 9.61
CA ALA A 270 -17.84 1.76 10.74
C ALA A 270 -18.82 0.62 10.53
N THR A 271 -20.01 0.91 10.03
CA THR A 271 -21.04 -0.10 9.79
C THR A 271 -20.99 -0.63 8.36
N GLN A 272 -19.96 -0.28 7.59
CA GLN A 272 -19.82 -0.68 6.20
C GLN A 272 -21.03 -0.23 5.37
N GLN A 273 -21.55 0.95 5.69
CA GLN A 273 -22.62 1.58 4.92
C GLN A 273 -22.00 2.57 3.96
N TYR A 274 -22.00 2.23 2.68
CA TYR A 274 -21.42 3.08 1.65
C TYR A 274 -22.46 3.82 0.84
N LYS A 275 -23.74 3.62 1.12
CA LYS A 275 -24.83 4.29 0.40
C LYS A 275 -24.86 5.74 0.84
N CYS A 276 -24.16 6.59 0.08
CA CYS A 276 -24.01 7.99 0.43
C CYS A 276 -23.96 8.82 -0.85
N TRP A 277 -23.53 10.08 -0.71
CA TRP A 277 -23.42 10.99 -1.84
C TRP A 277 -22.18 10.74 -2.68
N ILE A 278 -21.26 9.91 -2.22
CA ILE A 278 -20.07 9.54 -2.99
C ILE A 278 -20.31 8.30 -3.83
N SER A 279 -21.01 7.31 -3.28
CA SER A 279 -21.30 6.09 -4.03
C SER A 279 -22.38 6.32 -5.07
N LEU A 280 -23.18 7.38 -4.93
CA LEU A 280 -24.21 7.65 -5.94
C LEU A 280 -23.61 7.94 -7.31
N PRO A 281 -22.64 8.85 -7.47
CA PRO A 281 -22.03 9.02 -8.80
C PRO A 281 -21.34 7.76 -9.31
N ILE A 282 -20.70 6.99 -8.43
CA ILE A 282 -19.99 5.79 -8.87
C ILE A 282 -20.99 4.77 -9.42
N VAL A 283 -22.08 4.54 -8.67
CA VAL A 283 -23.13 3.63 -9.12
C VAL A 283 -23.78 4.13 -10.40
N PHE A 284 -24.07 5.42 -10.48
CA PHE A 284 -24.72 5.95 -11.68
C PHE A 284 -23.82 5.82 -12.90
N VAL A 285 -22.51 6.05 -12.75
CA VAL A 285 -21.60 5.87 -13.87
C VAL A 285 -21.51 4.41 -14.27
N LEU A 286 -21.38 3.51 -13.27
CA LEU A 286 -21.25 2.09 -13.54
C LEU A 286 -22.49 1.49 -14.18
N ILE A 287 -23.66 2.08 -13.95
CA ILE A 287 -24.88 1.61 -14.61
C ILE A 287 -25.18 2.38 -15.88
N ALA A 288 -24.72 3.63 -16.01
CA ALA A 288 -24.92 4.39 -17.22
C ALA A 288 -24.03 3.92 -18.35
N ALA A 289 -22.83 3.42 -18.04
CA ALA A 289 -22.03 2.75 -19.07
C ALA A 289 -22.77 1.53 -19.60
N LEU A 290 -23.39 0.76 -18.70
CA LEU A 290 -24.22 -0.36 -19.12
C LEU A 290 -25.39 0.08 -19.97
N GLN A 291 -26.06 1.17 -19.58
CA GLN A 291 -27.19 1.67 -20.35
C GLN A 291 -26.75 2.15 -21.72
N LEU A 292 -25.56 2.76 -21.82
CA LEU A 292 -25.04 3.17 -23.12
C LEU A 292 -24.74 1.96 -24.01
N VAL A 293 -24.14 0.92 -23.43
CA VAL A 293 -23.89 -0.29 -24.21
C VAL A 293 -25.20 -0.92 -24.67
N ASN A 294 -26.18 -0.98 -23.77
CA ASN A 294 -27.48 -1.55 -24.12
C ASN A 294 -28.18 -0.70 -25.17
N LEU A 295 -27.96 0.62 -25.13
CA LEU A 295 -28.56 1.50 -26.13
C LEU A 295 -27.91 1.31 -27.49
N TYR A 296 -26.58 1.11 -27.51
CA TYR A 296 -25.90 0.80 -28.76
C TYR A 296 -26.40 -0.52 -29.35
N TRP A 297 -26.57 -1.54 -28.50
CA TRP A 297 -27.12 -2.79 -29.01
C TRP A 297 -28.59 -2.66 -29.40
N LEU A 298 -29.35 -1.79 -28.73
CA LEU A 298 -30.69 -1.49 -29.18
C LEU A 298 -30.68 -0.84 -30.56
N PHE A 299 -29.71 0.04 -30.81
CA PHE A 299 -29.56 0.61 -32.14
C PHE A 299 -29.25 -0.47 -33.17
N LEU A 300 -28.39 -1.43 -32.81
CA LEU A 300 -28.11 -2.55 -33.72
C LEU A 300 -29.37 -3.36 -34.01
N ILE A 301 -30.15 -3.68 -32.97
CA ILE A 301 -31.38 -4.44 -33.15
C ILE A 301 -32.39 -3.65 -33.98
N LEU A 302 -32.45 -2.33 -33.78
CA LEU A 302 -33.35 -1.50 -34.58
C LEU A 302 -32.92 -1.48 -36.04
N ARG A 303 -31.61 -1.43 -36.29
CA ARG A 303 -31.11 -1.52 -37.66
C ARG A 303 -31.51 -2.85 -38.29
N ILE A 304 -31.37 -3.94 -37.53
CA ILE A 304 -31.76 -5.26 -38.04
C ILE A 304 -33.25 -5.29 -38.36
N LEU A 305 -34.07 -4.78 -37.46
CA LEU A 305 -35.51 -4.74 -37.68
C LEU A 305 -35.88 -3.93 -38.90
N TYR A 306 -35.24 -2.77 -39.08
CA TYR A 306 -35.49 -1.94 -40.25
C TYR A 306 -35.07 -2.65 -41.53
N ARG A 307 -33.94 -3.36 -41.50
CA ARG A 307 -33.50 -4.11 -42.67
C ARG A 307 -34.49 -5.21 -43.02
N LEU A 308 -35.00 -5.92 -42.02
CA LEU A 308 -35.91 -7.04 -42.28
C LEU A 308 -37.36 -6.61 -42.45
N ILE A 309 -37.68 -5.33 -42.32
CA ILE A 309 -39.04 -4.86 -42.54
C ILE A 309 -39.07 -3.89 -43.71
N ILE B 1 24.75 27.36 -28.55
CA ILE B 1 26.05 26.88 -28.09
C ILE B 1 25.86 25.81 -27.03
N SER B 2 24.61 25.58 -26.62
CA SER B 2 24.32 24.58 -25.59
C SER B 2 24.60 23.17 -26.08
N TYR B 3 24.58 22.95 -27.41
CA TYR B 3 24.86 21.62 -27.93
C TYR B 3 26.31 21.20 -27.69
N ARG B 4 27.27 22.12 -27.87
CA ARG B 4 28.68 21.86 -27.66
C ARG B 4 29.23 22.47 -26.37
N HIS B 5 28.40 23.21 -25.63
CA HIS B 5 28.65 23.51 -24.21
C HIS B 5 27.50 22.89 -23.41
N ALA B 6 27.74 21.70 -22.86
CA ALA B 6 26.70 20.99 -22.12
C ALA B 6 26.37 21.63 -20.78
N TRP B 7 27.18 22.57 -20.31
CA TRP B 7 26.99 23.21 -19.02
C TRP B 7 26.30 24.58 -19.10
N ILE B 8 25.88 25.00 -20.29
CA ILE B 8 25.21 26.29 -20.41
C ILE B 8 23.85 26.25 -19.72
N ALA B 9 23.04 25.24 -20.04
CA ALA B 9 21.71 25.14 -19.42
C ALA B 9 21.77 24.91 -17.92
N PRO B 10 22.59 23.99 -17.39
CA PRO B 10 22.70 23.87 -15.93
C PRO B 10 23.19 25.15 -15.27
N LEU B 11 24.12 25.87 -15.90
CA LEU B 11 24.58 27.13 -15.33
C LEU B 11 23.46 28.16 -15.30
N MET B 12 22.67 28.24 -16.38
CA MET B 12 21.56 29.18 -16.39
C MET B 12 20.54 28.85 -15.32
N ILE B 13 20.20 27.57 -15.15
CA ILE B 13 19.25 27.17 -14.13
C ILE B 13 19.79 27.50 -12.74
N LEU B 14 21.06 27.18 -12.50
CA LEU B 14 21.67 27.43 -11.20
C LEU B 14 21.70 28.92 -10.89
N ILE B 15 22.10 29.73 -11.88
CA ILE B 15 22.22 31.17 -11.64
C ILE B 15 20.84 31.79 -11.45
N ALA B 16 19.82 31.30 -12.17
CA ALA B 16 18.47 31.81 -11.98
C ALA B 16 17.97 31.50 -10.57
N VAL B 17 18.19 30.26 -10.11
CA VAL B 17 17.73 29.87 -8.78
C VAL B 17 18.46 30.69 -7.72
N TYR B 18 19.79 30.82 -7.87
CA TYR B 18 20.57 31.55 -6.88
C TYR B 18 20.20 33.02 -6.84
N SER B 19 19.99 33.63 -8.01
CA SER B 19 19.60 35.04 -8.06
C SER B 19 18.22 35.25 -7.45
N ALA B 20 17.27 34.36 -7.75
CA ALA B 20 15.94 34.48 -7.17
C ALA B 20 16.00 34.32 -5.65
N TYR B 21 16.83 33.40 -5.15
CA TYR B 21 16.94 33.20 -3.72
C TYR B 21 17.61 34.39 -3.03
N PHE B 22 18.68 34.92 -3.62
CA PHE B 22 19.46 35.97 -2.98
C PHE B 22 18.78 37.33 -3.07
N THR B 23 18.08 37.61 -4.17
CA THR B 23 17.44 38.91 -4.33
C THR B 23 16.38 39.15 -3.26
N SER B 24 15.58 38.13 -2.96
CA SER B 24 14.61 38.24 -1.88
C SER B 24 15.32 38.34 -0.55
N GLY B 25 14.87 39.26 0.30
CA GLY B 25 15.50 39.49 1.59
C GLY B 25 15.14 38.50 2.67
N ASN B 26 14.22 37.57 2.40
CA ASN B 26 13.85 36.58 3.40
C ASN B 26 15.01 35.69 3.77
N THR B 27 15.66 35.09 2.76
CA THR B 27 16.88 34.30 2.86
C THR B 27 16.91 33.35 4.06
N THR B 28 15.74 32.80 4.43
CA THR B 28 15.64 31.90 5.56
C THR B 28 14.69 30.76 5.18
N LYS B 29 14.27 29.98 6.18
CA LYS B 29 13.41 28.84 5.95
C LYS B 29 12.06 29.24 5.35
N THR B 30 11.61 30.48 5.56
CA THR B 30 10.35 30.92 4.98
C THR B 30 10.43 30.96 3.46
N ASN B 31 11.59 31.30 2.90
CA ASN B 31 11.75 31.35 1.46
C ASN B 31 11.51 29.98 0.85
N VAL B 32 10.82 29.97 -0.30
CA VAL B 32 10.49 28.70 -0.96
C VAL B 32 11.76 28.03 -1.48
N LEU B 33 12.71 28.82 -1.99
CA LEU B 33 13.92 28.25 -2.57
C LEU B 33 14.87 27.69 -1.53
N HIS B 34 14.63 27.91 -0.24
CA HIS B 34 15.48 27.32 0.79
C HIS B 34 15.39 25.80 0.81
N ARG B 35 14.34 25.22 0.23
CA ARG B 35 14.26 23.77 0.12
C ARG B 35 15.38 23.23 -0.77
N PHE B 36 15.69 23.94 -1.86
CA PHE B 36 16.68 23.48 -2.84
C PHE B 36 18.08 24.04 -2.55
N VAL B 37 18.16 25.35 -2.27
CA VAL B 37 19.46 26.02 -2.23
C VAL B 37 20.29 25.50 -1.06
N ALA B 38 19.71 25.41 0.13
CA ALA B 38 20.46 25.10 1.33
C ALA B 38 19.72 24.06 2.14
N VAL B 39 20.37 23.60 3.22
CA VAL B 39 19.75 22.67 4.15
C VAL B 39 18.64 23.38 4.91
N SER B 40 17.47 22.75 4.98
CA SER B 40 16.27 23.40 5.49
C SER B 40 16.04 23.12 6.97
N TYR B 41 15.94 21.84 7.35
CA TYR B 41 15.51 21.49 8.70
C TYR B 41 16.60 21.79 9.71
N GLN B 42 16.33 22.72 10.62
CA GLN B 42 17.23 23.06 11.71
C GLN B 42 16.41 23.27 12.97
N ILE B 43 16.89 22.70 14.08
CA ILE B 43 16.20 22.82 15.37
C ILE B 43 16.74 24.06 16.09
N GLY B 44 15.97 25.14 16.05
CA GLY B 44 16.37 26.38 16.69
C GLY B 44 17.64 26.94 16.09
N ASP B 45 18.43 27.59 16.92
CA ASP B 45 19.71 28.16 16.52
C ASP B 45 20.88 27.22 16.75
N THR B 46 20.63 26.02 17.27
CA THR B 46 21.70 25.07 17.53
C THR B 46 22.34 24.59 16.23
N ASN B 47 23.60 24.20 16.32
CA ASN B 47 24.35 23.69 15.16
C ASN B 47 24.05 22.21 14.94
N ALA B 48 22.76 21.90 14.84
CA ALA B 48 22.28 20.55 14.60
C ALA B 48 21.08 20.63 13.67
N TYR B 49 21.10 19.82 12.62
CA TYR B 49 20.08 19.86 11.58
C TYR B 49 19.35 18.52 11.50
N GLY B 50 18.03 18.58 11.38
CA GLY B 50 17.20 17.39 11.30
C GLY B 50 17.12 16.84 9.90
N LYS B 51 16.08 16.03 9.68
CA LYS B 51 15.85 15.38 8.41
C LYS B 51 14.41 15.64 7.97
N GLY B 52 14.17 15.51 6.67
CA GLY B 52 12.84 15.72 6.14
C GLY B 52 12.81 15.62 4.64
N ILE B 53 11.62 15.91 4.09
CA ILE B 53 11.41 15.83 2.64
C ILE B 53 12.25 16.86 1.90
N ASN B 54 12.43 18.04 2.50
CA ASN B 54 13.19 19.11 1.84
C ASN B 54 14.63 18.69 1.53
N ASP B 55 15.15 17.67 2.22
CA ASP B 55 16.49 17.17 1.91
C ASP B 55 16.53 16.56 0.52
N LEU B 56 15.45 15.91 0.09
CA LEU B 56 15.39 15.35 -1.26
C LEU B 56 15.45 16.46 -2.31
N CYS B 57 14.77 17.58 -2.05
CA CYS B 57 14.88 18.73 -2.95
C CYS B 57 16.31 19.25 -2.99
N PHE B 58 16.98 19.29 -1.84
CA PHE B 58 18.39 19.66 -1.80
C PHE B 58 19.23 18.68 -2.64
N VAL B 59 18.93 17.39 -2.51
CA VAL B 59 19.67 16.38 -3.27
C VAL B 59 19.49 16.60 -4.77
N PHE B 60 18.26 16.87 -5.21
CA PHE B 60 18.01 17.09 -6.64
C PHE B 60 18.68 18.36 -7.13
N TYR B 61 18.56 19.45 -6.36
CA TYR B 61 19.14 20.72 -6.80
C TYR B 61 20.67 20.61 -6.89
N TYR B 62 21.30 19.95 -5.93
CA TYR B 62 22.73 19.78 -6.04
C TYR B 62 23.13 18.65 -6.98
N MET B 63 22.19 17.79 -7.37
CA MET B 63 22.41 16.92 -8.53
C MET B 63 22.59 17.76 -9.79
N ILE B 64 21.71 18.76 -9.96
CA ILE B 64 21.85 19.70 -11.07
C ILE B 64 23.16 20.47 -10.94
N PHE B 65 23.49 20.90 -9.72
CA PHE B 65 24.73 21.64 -9.50
C PHE B 65 25.95 20.80 -9.84
N PHE B 66 25.95 19.51 -9.48
CA PHE B 66 27.08 18.65 -9.78
C PHE B 66 27.13 18.29 -11.25
N THR B 67 25.99 18.20 -11.93
CA THR B 67 26.00 18.09 -13.39
C THR B 67 26.70 19.30 -14.01
N PHE B 68 26.34 20.50 -13.54
CA PHE B 68 26.99 21.71 -14.02
C PHE B 68 28.48 21.67 -13.75
N LEU B 69 28.89 21.27 -12.54
CA LEU B 69 30.30 21.24 -12.19
C LEU B 69 31.06 20.23 -13.04
N ARG B 70 30.49 19.04 -13.22
CA ARG B 70 31.14 18.00 -14.00
C ARG B 70 31.34 18.42 -15.44
N GLU B 71 30.32 19.05 -16.05
CA GLU B 71 30.49 19.51 -17.42
C GLU B 71 31.46 20.69 -17.50
N PHE B 72 31.33 21.64 -16.58
CA PHE B 72 32.11 22.88 -16.67
C PHE B 72 33.60 22.62 -16.43
N LEU B 73 33.94 21.78 -15.45
CA LEU B 73 35.34 21.51 -15.17
C LEU B 73 36.03 20.93 -16.40
N MET B 74 35.42 19.92 -17.00
CA MET B 74 36.00 19.33 -18.21
C MET B 74 36.06 20.35 -19.34
N ASP B 75 35.02 21.17 -19.49
CA ASP B 75 34.96 22.06 -20.64
C ASP B 75 35.93 23.23 -20.52
N VAL B 76 36.28 23.64 -19.31
CA VAL B 76 37.04 24.86 -19.11
C VAL B 76 38.49 24.58 -18.75
N VAL B 77 38.78 23.59 -17.91
CA VAL B 77 40.13 23.37 -17.40
C VAL B 77 40.64 21.96 -17.67
N ILE B 78 39.82 20.93 -17.43
CA ILE B 78 40.32 19.57 -17.49
C ILE B 78 40.73 19.20 -18.92
N ARG B 79 39.86 19.46 -19.89
CA ARG B 79 40.22 19.19 -21.28
C ARG B 79 41.37 20.05 -21.77
N PRO B 80 41.39 21.38 -21.56
CA PRO B 80 42.57 22.14 -21.95
C PRO B 80 43.85 21.68 -21.25
N PHE B 81 43.76 21.27 -19.99
CA PHE B 81 44.94 20.76 -19.30
C PHE B 81 45.41 19.46 -19.94
N ALA B 82 44.49 18.57 -20.29
CA ALA B 82 44.86 17.32 -20.94
C ALA B 82 45.50 17.58 -22.30
N ILE B 83 44.97 18.57 -23.04
CA ILE B 83 45.59 18.95 -24.31
C ILE B 83 46.98 19.52 -24.08
N ARG B 84 47.16 20.26 -22.99
CA ARG B 84 48.45 20.89 -22.71
C ARG B 84 49.55 19.86 -22.43
N LEU B 85 49.20 18.66 -21.96
CA LEU B 85 50.18 17.62 -21.68
C LEU B 85 50.57 16.82 -22.92
N HIS B 86 50.34 17.36 -24.12
CA HIS B 86 50.70 16.73 -25.38
C HIS B 86 50.02 15.38 -25.59
N VAL B 87 48.91 15.14 -24.90
CA VAL B 87 48.16 13.90 -25.06
C VAL B 87 47.28 14.03 -26.30
N THR B 88 47.35 13.03 -27.18
CA THR B 88 46.61 13.06 -28.44
C THR B 88 45.62 11.92 -28.63
N SER B 89 45.82 10.78 -27.95
CA SER B 89 44.93 9.66 -28.12
C SER B 89 43.54 9.97 -27.56
N LYS B 90 42.50 9.58 -28.30
CA LYS B 90 41.13 9.84 -27.87
C LYS B 90 40.82 9.10 -26.57
N HIS B 91 41.19 7.82 -26.49
CA HIS B 91 40.98 7.06 -25.26
C HIS B 91 41.77 7.66 -24.11
N ARG B 92 43.03 8.02 -24.36
CA ARG B 92 43.85 8.62 -23.31
C ARG B 92 43.25 9.92 -22.81
N ILE B 93 42.87 10.81 -23.72
CA ILE B 93 42.32 12.11 -23.33
C ILE B 93 41.02 11.92 -22.56
N LYS B 94 40.13 11.07 -23.08
CA LYS B 94 38.83 10.88 -22.44
C LYS B 94 38.98 10.27 -21.04
N ARG B 95 39.85 9.28 -20.89
CA ARG B 95 40.04 8.67 -19.58
C ARG B 95 40.74 9.61 -18.61
N ILE B 96 41.71 10.40 -19.09
CA ILE B 96 42.37 11.38 -18.24
C ILE B 96 41.38 12.43 -17.77
N MET B 97 40.42 12.80 -18.61
CA MET B 97 39.41 13.77 -18.19
C MET B 97 38.66 13.28 -16.95
N GLU B 98 38.12 12.06 -17.01
CA GLU B 98 37.39 11.52 -15.88
C GLU B 98 38.29 11.31 -14.67
N GLN B 99 39.52 10.83 -14.90
CA GLN B 99 40.42 10.61 -13.77
C GLN B 99 40.79 11.91 -13.07
N MET B 100 41.01 12.98 -13.83
CA MET B 100 41.34 14.27 -13.21
C MET B 100 40.13 14.88 -12.53
N TYR B 101 38.93 14.71 -13.09
CA TYR B 101 37.74 15.17 -12.40
C TYR B 101 37.56 14.42 -11.08
N ALA B 102 37.82 13.11 -11.09
CA ALA B 102 37.77 12.33 -9.86
C ALA B 102 38.84 12.80 -8.88
N ILE B 103 40.03 13.14 -9.38
CA ILE B 103 41.09 13.66 -8.53
C ILE B 103 40.61 14.93 -7.82
N PHE B 104 40.05 15.86 -8.58
CA PHE B 104 39.60 17.12 -7.99
C PHE B 104 38.48 16.88 -6.98
N TYR B 105 37.47 16.09 -7.36
CA TYR B 105 36.34 15.85 -6.47
C TYR B 105 36.78 15.16 -5.18
N THR B 106 37.65 14.17 -5.29
CA THR B 106 38.08 13.43 -4.11
C THR B 106 39.03 14.25 -3.25
N GLY B 107 39.89 15.07 -3.88
CA GLY B 107 40.73 15.96 -3.11
C GLY B 107 39.99 17.11 -2.47
N VAL B 108 38.75 17.36 -2.90
CA VAL B 108 37.89 18.28 -2.16
C VAL B 108 37.07 17.57 -1.08
N SER B 109 36.66 16.32 -1.35
CA SER B 109 35.76 15.62 -0.45
C SER B 109 36.48 14.96 0.73
N GLY B 110 37.53 14.18 0.44
CA GLY B 110 38.24 13.45 1.45
C GLY B 110 38.85 14.33 2.51
N PRO B 111 39.55 15.39 2.12
CA PRO B 111 39.97 16.39 3.13
C PRO B 111 38.79 16.99 3.88
N PHE B 112 37.67 17.23 3.21
CA PHE B 112 36.48 17.69 3.90
C PHE B 112 35.98 16.64 4.88
N GLY B 113 36.04 15.37 4.48
CA GLY B 113 35.62 14.30 5.38
C GLY B 113 36.49 14.20 6.63
N ILE B 114 37.81 14.26 6.44
CA ILE B 114 38.71 14.18 7.60
C ILE B 114 38.58 15.41 8.48
N TYR B 115 38.32 16.58 7.88
CA TYR B 115 38.09 17.78 8.67
C TYR B 115 36.80 17.66 9.48
N CYS B 116 35.76 17.07 8.88
CA CYS B 116 34.51 16.87 9.62
C CYS B 116 34.68 15.86 10.73
N MET B 117 35.45 14.80 10.50
CA MET B 117 35.74 13.84 11.57
C MET B 117 36.55 14.47 12.68
N TYR B 118 37.51 15.33 12.34
CA TYR B 118 38.37 15.93 13.35
C TYR B 118 37.58 16.80 14.32
N HIS B 119 36.43 17.31 13.89
CA HIS B 119 35.55 18.10 14.74
C HIS B 119 34.45 17.27 15.37
N SER B 120 34.68 15.96 15.58
CA SER B 120 33.71 15.07 16.20
C SER B 120 34.47 14.03 17.02
N ASP B 121 33.70 13.22 17.75
CA ASP B 121 34.26 12.16 18.56
C ASP B 121 34.62 10.92 17.75
N LEU B 122 34.62 11.02 16.42
CA LEU B 122 34.94 9.90 15.54
C LEU B 122 36.38 9.92 15.05
N TRP B 123 37.24 10.76 15.64
CA TRP B 123 38.60 10.89 15.16
C TRP B 123 39.36 9.58 15.30
N PHE B 124 40.33 9.38 14.41
CA PHE B 124 41.11 8.14 14.33
C PHE B 124 40.23 6.92 14.10
N PHE B 125 39.10 7.12 13.43
CA PHE B 125 38.17 6.05 13.08
C PHE B 125 37.74 5.26 14.31
N ASN B 126 37.45 5.98 15.40
CA ASN B 126 37.00 5.34 16.62
C ASN B 126 35.62 4.75 16.44
N THR B 127 35.45 3.49 16.83
CA THR B 127 34.18 2.80 16.66
C THR B 127 33.23 3.01 17.83
N LYS B 128 33.68 3.63 18.93
CA LYS B 128 32.77 3.89 20.04
C LYS B 128 31.74 4.94 19.68
N ALA B 129 32.14 5.98 18.95
CA ALA B 129 31.23 7.03 18.55
C ALA B 129 30.21 6.58 17.50
N MET B 130 30.40 5.39 16.93
CA MET B 130 29.47 4.90 15.91
C MET B 130 28.06 4.73 16.47
N TYR B 131 27.96 4.16 17.68
CA TYR B 131 26.68 3.73 18.21
C TYR B 131 26.33 4.34 19.57
N ARG B 132 27.26 5.08 20.20
CA ARG B 132 26.97 5.65 21.51
C ARG B 132 25.82 6.64 21.45
N THR B 133 25.79 7.47 20.41
CA THR B 133 24.76 8.50 20.28
C THR B 133 23.58 8.06 19.43
N TYR B 134 23.54 6.79 19.00
CA TYR B 134 22.43 6.32 18.18
C TYR B 134 21.14 6.32 19.00
N PRO B 135 20.02 6.76 18.41
CA PRO B 135 19.86 7.26 17.04
C PRO B 135 20.36 8.70 16.89
N ASP B 136 20.91 9.04 15.72
CA ASP B 136 21.41 10.39 15.46
C ASP B 136 20.36 11.13 14.64
N PHE B 137 19.35 11.65 15.35
CA PHE B 137 18.29 12.41 14.69
C PHE B 137 18.83 13.66 14.03
N THR B 138 19.70 14.38 14.72
CA THR B 138 20.23 15.65 14.25
C THR B 138 21.74 15.55 14.11
N ASN B 139 22.27 16.09 13.01
CA ASN B 139 23.69 16.09 12.72
C ASN B 139 24.15 17.51 12.44
N PRO B 140 25.43 17.80 12.70
CA PRO B 140 25.92 19.18 12.53
C PRO B 140 25.75 19.68 11.10
N PHE B 141 25.92 20.99 10.95
CA PHE B 141 25.75 21.63 9.65
C PHE B 141 26.72 21.07 8.62
N LEU B 142 28.01 21.00 8.97
CA LEU B 142 28.98 20.42 8.05
C LEU B 142 28.72 18.95 7.82
N PHE B 143 28.35 18.22 8.87
CA PHE B 143 28.09 16.79 8.75
C PHE B 143 26.94 16.50 7.81
N LYS B 144 25.87 17.28 7.88
CA LYS B 144 24.73 17.10 6.98
C LYS B 144 25.03 17.59 5.57
N VAL B 145 25.74 18.72 5.45
CA VAL B 145 26.06 19.26 4.14
C VAL B 145 26.95 18.29 3.36
N PHE B 146 27.97 17.75 4.03
CA PHE B 146 28.86 16.79 3.38
C PHE B 146 28.09 15.55 2.92
N TYR B 147 27.22 15.03 3.79
CA TYR B 147 26.47 13.83 3.47
C TYR B 147 25.53 14.07 2.28
N LEU B 148 24.79 15.18 2.32
CA LEU B 148 23.84 15.47 1.26
C LEU B 148 24.54 15.78 -0.05
N GLY B 149 25.70 16.47 0.00
CA GLY B 149 26.44 16.74 -1.21
C GLY B 149 27.02 15.48 -1.83
N GLN B 150 27.54 14.58 -1.00
CA GLN B 150 28.02 13.30 -1.52
C GLN B 150 26.87 12.51 -2.13
N ALA B 151 25.71 12.50 -1.47
CA ALA B 151 24.55 11.82 -2.03
C ALA B 151 24.14 12.42 -3.37
N ALA B 152 24.13 13.75 -3.46
CA ALA B 152 23.77 14.41 -4.72
C ALA B 152 24.77 14.08 -5.82
N PHE B 153 26.07 14.11 -5.50
CA PHE B 153 27.07 13.80 -6.51
C PHE B 153 26.94 12.36 -6.99
N TRP B 154 26.74 11.42 -6.07
CA TRP B 154 26.63 10.02 -6.48
C TRP B 154 25.34 9.75 -7.23
N ALA B 155 24.25 10.43 -6.87
CA ALA B 155 23.01 10.31 -7.64
C ALA B 155 23.18 10.90 -9.03
N GLN B 156 23.93 12.00 -9.14
CA GLN B 156 24.23 12.57 -10.45
C GLN B 156 25.05 11.60 -11.29
N GLN B 157 26.04 10.94 -10.68
CA GLN B 157 26.83 9.94 -11.39
C GLN B 157 25.96 8.78 -11.85
N ALA B 158 25.06 8.31 -10.99
CA ALA B 158 24.16 7.22 -11.36
C ALA B 158 23.22 7.65 -12.49
N CYS B 159 22.73 8.88 -12.44
CA CYS B 159 21.86 9.39 -13.50
C CYS B 159 22.61 9.49 -14.82
N ILE B 160 23.88 9.92 -14.79
CA ILE B 160 24.69 9.95 -16.00
C ILE B 160 24.89 8.54 -16.54
N LEU B 161 25.15 7.58 -15.65
CA LEU B 161 25.34 6.20 -16.08
C LEU B 161 24.08 5.65 -16.74
N VAL B 162 22.91 5.93 -16.13
CA VAL B 162 21.66 5.43 -16.68
C VAL B 162 21.33 6.11 -18.00
N LEU B 163 21.64 7.40 -18.11
CA LEU B 163 21.39 8.14 -19.35
C LEU B 163 22.19 7.63 -20.53
N GLN B 164 23.23 6.82 -20.28
CA GLN B 164 24.07 6.22 -21.32
C GLN B 164 24.39 7.21 -22.44
N LEU B 165 24.84 8.40 -22.05
CA LEU B 165 25.25 9.40 -23.03
C LEU B 165 26.43 8.89 -23.86
N GLU B 166 27.35 8.18 -23.21
CA GLU B 166 28.43 7.45 -23.90
C GLU B 166 28.34 6.02 -23.39
N LYS B 167 27.49 5.22 -24.03
CA LYS B 167 27.19 3.87 -23.52
C LYS B 167 28.40 2.94 -23.52
N PRO B 168 29.20 2.80 -24.60
CA PRO B 168 30.25 1.78 -24.59
C PRO B 168 31.37 2.08 -23.60
N ARG B 169 31.42 1.32 -22.52
CA ARG B 169 32.47 1.44 -21.52
C ARG B 169 32.82 0.05 -20.99
N LYS B 170 34.12 -0.23 -20.90
CA LYS B 170 34.58 -1.53 -20.44
C LYS B 170 34.50 -1.68 -18.92
N ASP B 171 34.39 -0.57 -18.20
CA ASP B 171 34.28 -0.59 -16.75
C ASP B 171 32.84 -0.55 -16.27
N HIS B 172 31.87 -0.62 -17.18
CA HIS B 172 30.46 -0.46 -16.82
C HIS B 172 30.00 -1.50 -15.82
N ASN B 173 30.50 -2.73 -15.91
CA ASN B 173 30.00 -3.83 -15.09
C ASN B 173 30.17 -3.52 -13.59
N GLU B 174 31.41 -3.37 -13.13
CA GLU B 174 31.64 -3.13 -11.72
C GLU B 174 31.29 -1.70 -11.32
N LEU B 175 31.41 -0.74 -12.23
CA LEU B 175 31.09 0.64 -11.89
C LEU B 175 29.60 0.82 -11.61
N THR B 176 28.75 0.13 -12.37
CA THR B 176 27.31 0.21 -12.10
C THR B 176 26.97 -0.37 -10.74
N PHE B 177 27.57 -1.50 -10.38
CA PHE B 177 27.34 -2.09 -9.07
C PHE B 177 27.84 -1.17 -7.97
N HIS B 178 29.01 -0.54 -8.18
CA HIS B 178 29.54 0.40 -7.19
C HIS B 178 28.60 1.58 -7.01
N HIS B 179 28.08 2.13 -8.11
CA HIS B 179 27.16 3.26 -8.00
C HIS B 179 25.87 2.87 -7.29
N ILE B 180 25.33 1.70 -7.62
CA ILE B 180 24.08 1.26 -6.98
C ILE B 180 24.30 1.04 -5.49
N VAL B 181 25.39 0.36 -5.12
CA VAL B 181 25.63 0.10 -3.71
C VAL B 181 25.94 1.39 -2.95
N THR B 182 26.62 2.34 -3.60
CA THR B 182 26.91 3.61 -2.95
C THR B 182 25.63 4.41 -2.69
N LEU B 183 24.75 4.49 -3.69
CA LEU B 183 23.47 5.18 -3.48
C LEU B 183 22.66 4.49 -2.40
N LEU B 184 22.60 3.16 -2.43
CA LEU B 184 21.84 2.43 -1.41
C LEU B 184 22.42 2.67 -0.02
N LEU B 185 23.74 2.62 0.12
CA LEU B 185 24.41 2.84 1.40
C LEU B 185 24.18 4.24 1.94
N ILE B 186 24.36 5.26 1.11
CA ILE B 186 24.14 6.63 1.57
C ILE B 186 22.68 6.83 1.98
N TRP B 187 21.75 6.39 1.13
CA TRP B 187 20.34 6.61 1.42
C TRP B 187 19.91 5.88 2.69
N SER B 188 20.39 4.64 2.87
CA SER B 188 20.01 3.88 4.06
C SER B 188 20.66 4.44 5.32
N SER B 189 21.91 4.88 5.21
CA SER B 189 22.63 5.39 6.37
C SER B 189 22.31 6.86 6.61
N TYR B 190 21.41 7.42 5.80
CA TYR B 190 20.82 8.71 6.12
C TYR B 190 19.40 8.59 6.67
N VAL B 191 18.51 7.86 5.98
CA VAL B 191 17.12 7.78 6.44
C VAL B 191 17.02 6.96 7.72
N PHE B 192 17.81 5.89 7.85
CA PHE B 192 17.78 5.01 9.02
C PHE B 192 18.83 5.40 10.05
N HIS B 193 19.13 6.70 10.15
CA HIS B 193 20.22 7.19 10.99
C HIS B 193 21.51 6.47 10.63
N PHE B 194 22.37 6.22 11.62
CA PHE B 194 23.72 5.71 11.39
C PHE B 194 24.53 6.70 10.56
N THR B 195 24.14 7.98 10.62
CA THR B 195 24.83 9.01 9.87
C THR B 195 26.26 9.19 10.34
N LYS B 196 26.49 9.13 11.66
CA LYS B 196 27.85 9.13 12.19
C LYS B 196 28.64 7.91 11.73
N MET B 197 27.96 6.78 11.50
CA MET B 197 28.62 5.55 11.11
C MET B 197 29.08 5.56 9.66
N GLY B 198 28.38 6.27 8.77
CA GLY B 198 28.75 6.32 7.38
C GLY B 198 29.90 7.24 7.04
N LEU B 199 30.24 8.17 7.92
CA LEU B 199 31.34 9.09 7.65
C LEU B 199 32.69 8.39 7.53
N PRO B 200 33.09 7.48 8.44
CA PRO B 200 34.39 6.80 8.25
C PRO B 200 34.47 6.03 6.94
N ILE B 201 33.40 5.35 6.55
CA ILE B 201 33.40 4.67 5.25
C ILE B 201 33.51 5.69 4.12
N TYR B 202 32.77 6.79 4.26
CA TYR B 202 32.92 7.91 3.34
C TYR B 202 34.36 8.33 3.18
N ILE B 203 35.06 8.53 4.31
CA ILE B 203 36.43 9.04 4.28
C ILE B 203 37.36 8.02 3.65
N THR B 204 37.22 6.75 4.04
CA THR B 204 38.09 5.71 3.49
C THR B 204 37.92 5.62 1.98
N MET B 205 36.68 5.54 1.50
CA MET B 205 36.45 5.42 0.06
C MET B 205 36.96 6.67 -0.67
N ASP B 206 36.70 7.86 -0.12
CA ASP B 206 37.13 9.08 -0.79
C ASP B 206 38.64 9.18 -0.89
N VAL B 207 39.36 8.90 0.21
CA VAL B 207 40.82 9.02 0.18
C VAL B 207 41.42 7.93 -0.72
N SER B 208 40.90 6.71 -0.63
CA SER B 208 41.42 5.63 -1.48
C SER B 208 41.19 5.93 -2.95
N ASP B 209 40.01 6.46 -3.29
CA ASP B 209 39.73 6.81 -4.67
C ASP B 209 40.58 7.99 -5.13
N PHE B 210 40.86 8.92 -4.22
CA PHE B 210 41.73 10.04 -4.56
C PHE B 210 43.11 9.56 -4.94
N LEU B 211 43.70 8.69 -4.12
CA LEU B 211 45.04 8.19 -4.41
C LEU B 211 45.02 7.27 -5.63
N LEU B 212 43.94 6.51 -5.82
CA LEU B 212 43.83 5.67 -7.01
C LEU B 212 43.79 6.51 -8.27
N SER B 213 43.01 7.60 -8.26
CA SER B 213 42.91 8.46 -9.43
C SER B 213 44.22 9.20 -9.67
N PHE B 214 44.92 9.59 -8.61
CA PHE B 214 46.22 10.22 -8.77
C PHE B 214 47.22 9.26 -9.43
N SER B 215 47.26 8.02 -8.94
CA SER B 215 48.14 7.02 -9.53
C SER B 215 47.75 6.73 -10.97
N LYS B 216 46.45 6.65 -11.25
CA LYS B 216 46.00 6.42 -12.61
C LYS B 216 46.43 7.54 -13.54
N THR B 217 46.23 8.79 -13.12
CA THR B 217 46.61 9.92 -13.95
C THR B 217 48.11 9.96 -14.19
N LEU B 218 48.90 9.67 -13.16
CA LEU B 218 50.35 9.59 -13.35
C LEU B 218 50.72 8.49 -14.32
N ASN B 219 50.01 7.36 -14.26
CA ASN B 219 50.27 6.26 -15.20
C ASN B 219 49.93 6.66 -16.62
N TYR B 220 48.81 7.37 -16.82
CA TYR B 220 48.42 7.80 -18.15
C TYR B 220 49.47 8.73 -18.75
N LEU B 221 50.01 9.65 -17.93
CA LEU B 221 51.07 10.54 -18.38
C LEU B 221 52.39 9.80 -18.60
N ASP B 222 52.49 8.55 -18.16
CA ASP B 222 53.72 7.76 -18.28
C ASP B 222 54.90 8.45 -17.61
N SER B 223 54.64 9.07 -16.46
CA SER B 223 55.67 9.76 -15.71
C SER B 223 56.43 8.78 -14.81
N GLY B 224 57.57 9.25 -14.31
CA GLY B 224 58.40 8.42 -13.44
C GLY B 224 57.92 8.30 -12.01
N LEU B 225 56.89 9.04 -11.64
CA LEU B 225 56.33 8.99 -10.30
C LEU B 225 55.18 8.00 -10.17
N ALA B 226 54.88 7.25 -11.23
CA ALA B 226 53.74 6.34 -11.21
C ALA B 226 53.93 5.22 -10.18
N PHE B 227 55.15 4.67 -10.10
CA PHE B 227 55.39 3.55 -9.19
C PHE B 227 55.25 3.98 -7.73
N PHE B 228 55.85 5.12 -7.37
CA PHE B 228 55.75 5.61 -6.00
C PHE B 228 54.31 5.96 -5.65
N SER B 229 53.59 6.59 -6.59
CA SER B 229 52.20 6.93 -6.36
C SER B 229 51.35 5.68 -6.16
N PHE B 230 51.60 4.64 -6.97
CA PHE B 230 50.87 3.39 -6.80
C PHE B 230 51.21 2.72 -5.48
N ALA B 231 52.46 2.84 -5.03
CA ALA B 231 52.83 2.27 -3.74
C ALA B 231 52.10 2.95 -2.59
N ILE B 232 52.11 4.29 -2.55
CA ILE B 232 51.40 4.98 -1.47
C ILE B 232 49.90 4.72 -1.59
N PHE B 233 49.39 4.61 -2.82
CA PHE B 233 47.98 4.29 -3.01
C PHE B 233 47.63 2.93 -2.43
N VAL B 234 48.45 1.90 -2.68
CA VAL B 234 48.13 0.57 -2.18
C VAL B 234 48.28 0.53 -0.66
N VAL B 235 49.24 1.28 -0.12
CA VAL B 235 49.37 1.37 1.34
C VAL B 235 48.10 1.97 1.94
N ALA B 236 47.63 3.09 1.37
CA ALA B 236 46.41 3.71 1.88
C ALA B 236 45.20 2.83 1.65
N TRP B 237 45.19 2.04 0.57
CA TRP B 237 44.07 1.15 0.30
C TRP B 237 43.98 0.07 1.37
N ILE B 238 45.10 -0.61 1.64
CA ILE B 238 45.09 -1.65 2.67
C ILE B 238 44.84 -1.05 4.05
N TYR B 239 45.20 0.22 4.25
CA TYR B 239 44.93 0.84 5.54
C TYR B 239 43.46 1.24 5.71
N LEU B 240 42.82 1.69 4.63
CA LEU B 240 41.48 2.28 4.72
C LEU B 240 40.38 1.32 4.32
N ARG B 241 40.42 0.81 3.09
CA ARG B 241 39.32 -0.03 2.62
C ARG B 241 39.37 -1.44 3.19
N HIS B 242 40.46 -1.83 3.83
CA HIS B 242 40.56 -3.17 4.40
C HIS B 242 40.74 -3.16 5.91
N TYR B 243 41.74 -2.43 6.42
CA TYR B 243 41.93 -2.39 7.87
C TYR B 243 40.77 -1.68 8.56
N ILE B 244 40.43 -0.48 8.08
CA ILE B 244 39.36 0.29 8.72
C ILE B 244 38.00 -0.36 8.47
N ASN B 245 37.78 -0.89 7.26
CA ASN B 245 36.52 -1.58 6.99
C ASN B 245 36.38 -2.85 7.82
N LEU B 246 37.46 -3.59 8.02
CA LEU B 246 37.38 -4.77 8.88
C LEU B 246 37.17 -4.38 10.33
N LYS B 247 37.76 -3.26 10.76
CA LYS B 247 37.48 -2.75 12.11
C LYS B 247 36.02 -2.38 12.26
N ILE B 248 35.43 -1.76 11.23
CA ILE B 248 34.02 -1.40 11.26
C ILE B 248 33.15 -2.65 11.29
N LEU B 249 33.53 -3.67 10.52
CA LEU B 249 32.79 -4.93 10.54
C LEU B 249 32.87 -5.60 11.91
N TRP B 250 34.05 -5.57 12.52
CA TRP B 250 34.18 -6.11 13.87
C TRP B 250 33.36 -5.32 14.88
N SER B 251 33.23 -4.01 14.67
CA SER B 251 32.33 -3.21 15.49
C SER B 251 30.89 -3.65 15.31
N VAL B 252 30.49 -3.88 14.05
CA VAL B 252 29.13 -4.36 13.78
C VAL B 252 28.91 -5.72 14.42
N LEU B 253 29.97 -6.52 14.55
CA LEU B 253 29.84 -7.84 15.16
C LEU B 253 29.71 -7.76 16.67
N THR B 254 30.70 -7.19 17.35
CA THR B 254 30.78 -7.24 18.81
C THR B 254 30.48 -5.92 19.51
N GLN B 255 30.77 -4.78 18.89
CA GLN B 255 30.55 -3.49 19.51
C GLN B 255 29.21 -2.87 19.14
N PHE B 256 28.57 -3.36 18.06
CA PHE B 256 27.25 -2.88 17.69
C PHE B 256 26.22 -3.17 18.78
N ARG B 257 26.30 -4.36 19.39
CA ARG B 257 25.35 -4.73 20.44
C ARG B 257 25.67 -4.06 21.77
N THR B 258 26.95 -3.83 22.07
CA THR B 258 27.33 -3.35 23.39
C THR B 258 27.09 -1.86 23.54
N GLU B 259 27.68 -1.04 22.67
CA GLU B 259 27.57 0.39 22.78
C GLU B 259 26.14 0.86 22.50
N GLY B 260 25.75 1.95 23.14
CA GLY B 260 24.39 2.45 23.00
C GLY B 260 23.39 1.48 23.59
N ASN B 261 22.20 1.47 23.00
CA ASN B 261 21.14 0.58 23.42
C ASN B 261 20.77 -0.36 22.28
N TYR B 262 20.57 -1.64 22.62
CA TYR B 262 20.36 -2.68 21.63
C TYR B 262 18.90 -3.12 21.53
N VAL B 263 18.05 -2.76 22.48
CA VAL B 263 16.65 -3.16 22.42
C VAL B 263 15.95 -2.37 21.31
N LEU B 264 15.12 -3.05 20.53
CA LEU B 264 14.39 -2.38 19.46
C LEU B 264 13.35 -1.44 20.04
N ASN B 265 13.23 -0.25 19.43
CA ASN B 265 12.26 0.74 19.88
C ASN B 265 11.82 1.54 18.66
N PHE B 266 10.67 1.15 18.09
CA PHE B 266 10.14 1.89 16.95
C PHE B 266 9.61 3.26 17.36
N ALA B 267 9.18 3.40 18.62
CA ALA B 267 8.63 4.67 19.08
C ALA B 267 9.67 5.78 19.02
N THR B 268 10.91 5.48 19.42
CA THR B 268 11.99 6.45 19.37
C THR B 268 12.80 6.36 18.09
N GLN B 269 12.33 5.58 17.11
CA GLN B 269 13.02 5.41 15.83
C GLN B 269 14.47 4.96 16.03
N GLN B 270 14.67 4.09 17.03
CA GLN B 270 15.99 3.54 17.35
C GLN B 270 16.02 2.11 16.82
N TYR B 271 16.63 1.95 15.65
CA TYR B 271 16.59 0.70 14.89
C TYR B 271 17.78 -0.20 15.19
N LYS B 272 18.69 0.22 16.07
CA LYS B 272 19.87 -0.57 16.39
C LYS B 272 19.43 -1.73 17.27
N CYS B 273 19.05 -2.83 16.62
CA CYS B 273 18.50 -3.99 17.31
C CYS B 273 19.02 -5.26 16.63
N TRP B 274 18.41 -6.39 16.98
CA TRP B 274 18.94 -7.69 16.54
C TRP B 274 18.48 -8.08 15.15
N ILE B 275 17.48 -7.40 14.57
CA ILE B 275 17.09 -7.65 13.19
C ILE B 275 17.71 -6.65 12.24
N SER B 276 18.38 -5.61 12.75
CA SER B 276 19.12 -4.66 11.92
C SER B 276 20.61 -4.93 11.90
N LEU B 277 21.14 -5.60 12.91
CA LEU B 277 22.55 -6.00 12.89
C LEU B 277 22.87 -6.88 11.69
N PRO B 278 22.11 -7.93 11.36
CA PRO B 278 22.41 -8.68 10.14
C PRO B 278 22.34 -7.84 8.88
N ILE B 279 21.38 -6.92 8.77
CA ILE B 279 21.27 -6.10 7.57
C ILE B 279 22.48 -5.19 7.44
N VAL B 280 22.86 -4.50 8.51
CA VAL B 280 24.02 -3.62 8.46
C VAL B 280 25.30 -4.41 8.23
N PHE B 281 25.41 -5.62 8.79
CA PHE B 281 26.60 -6.43 8.56
C PHE B 281 26.71 -6.91 7.12
N VAL B 282 25.62 -7.41 6.52
CA VAL B 282 25.73 -7.88 5.15
C VAL B 282 25.90 -6.72 4.18
N LEU B 283 25.25 -5.58 4.45
CA LEU B 283 25.32 -4.41 3.59
C LEU B 283 26.70 -3.77 3.57
N ILE B 284 27.54 -4.03 4.57
CA ILE B 284 28.93 -3.61 4.54
C ILE B 284 29.86 -4.76 4.15
N GLY B 285 29.49 -6.01 4.44
CA GLY B 285 30.30 -7.14 4.01
C GLY B 285 30.32 -7.29 2.50
N ALA B 286 29.21 -6.96 1.83
CA ALA B 286 29.21 -6.97 0.37
C ALA B 286 30.22 -5.96 -0.18
N LEU B 287 30.22 -4.75 0.37
CA LEU B 287 31.20 -3.75 -0.03
C LEU B 287 32.62 -4.18 0.28
N GLN B 288 32.84 -4.81 1.44
CA GLN B 288 34.17 -5.30 1.79
C GLN B 288 34.62 -6.40 0.84
N LEU B 289 33.70 -7.27 0.42
CA LEU B 289 34.04 -8.31 -0.54
C LEU B 289 34.38 -7.72 -1.90
N VAL B 290 33.64 -6.70 -2.33
CA VAL B 290 33.99 -6.02 -3.58
C VAL B 290 35.35 -5.34 -3.46
N ASN B 291 35.64 -4.76 -2.30
CA ASN B 291 36.96 -4.17 -2.07
C ASN B 291 38.05 -5.23 -2.09
N LEU B 292 37.76 -6.42 -1.57
CA LEU B 292 38.72 -7.52 -1.65
C LEU B 292 38.94 -7.95 -3.10
N TYR B 293 37.88 -7.94 -3.90
CA TYR B 293 38.01 -8.25 -5.32
C TYR B 293 38.89 -7.21 -6.01
N TRP B 294 38.68 -5.93 -5.71
CA TRP B 294 39.55 -4.90 -6.26
C TRP B 294 40.97 -5.04 -5.76
N LEU B 295 41.15 -5.51 -4.52
CA LEU B 295 42.49 -5.77 -4.01
C LEU B 295 43.15 -6.92 -4.75
N PHE B 296 42.39 -7.94 -5.11
CA PHE B 296 42.91 -8.99 -5.97
C PHE B 296 43.35 -8.42 -7.31
N LEU B 297 42.56 -7.50 -7.86
CA LEU B 297 42.97 -6.82 -9.09
C LEU B 297 44.28 -6.04 -8.89
N ILE B 298 44.39 -5.33 -7.77
CA ILE B 298 45.61 -4.56 -7.48
C ILE B 298 46.82 -5.48 -7.40
N PHE B 299 46.67 -6.59 -6.67
CA PHE B 299 47.78 -7.53 -6.51
C PHE B 299 48.16 -8.18 -7.83
N ARG B 300 47.16 -8.47 -8.67
CA ARG B 300 47.45 -8.98 -10.02
C ARG B 300 48.22 -7.93 -10.83
N VAL B 301 47.82 -6.66 -10.72
CA VAL B 301 48.54 -5.58 -11.40
C VAL B 301 49.91 -5.31 -10.77
N LEU B 302 50.02 -5.40 -9.45
CA LEU B 302 51.29 -5.16 -8.77
C LEU B 302 52.06 -6.46 -8.63
N LYS C 1 16.75 6.73 -23.84
CA LYS C 1 17.64 6.87 -22.69
C LYS C 1 17.01 7.75 -21.61
N ILE C 2 16.20 8.72 -22.04
CA ILE C 2 15.50 9.58 -21.09
C ILE C 2 14.46 8.78 -20.32
N PHE C 3 13.75 7.87 -21.01
CA PHE C 3 12.75 7.05 -20.34
C PHE C 3 13.40 6.15 -19.29
N ASN C 4 14.58 5.61 -19.60
CA ASN C 4 15.28 4.78 -18.62
C ASN C 4 15.67 5.59 -17.39
N LEU C 5 16.14 6.83 -17.60
CA LEU C 5 16.47 7.69 -16.47
C LEU C 5 15.24 8.00 -15.63
N PHE C 6 14.12 8.29 -16.29
CA PHE C 6 12.89 8.57 -15.56
C PHE C 6 12.43 7.35 -14.77
N ARG C 7 12.53 6.16 -15.36
CA ARG C 7 12.15 4.94 -14.66
C ARG C 7 13.05 4.69 -13.46
N VAL C 8 14.35 4.89 -13.60
CA VAL C 8 15.27 4.70 -12.49
C VAL C 8 14.99 5.69 -11.38
N CYS C 9 14.77 6.96 -11.73
CA CYS C 9 14.45 7.97 -10.72
C CYS C 9 13.13 7.66 -10.03
N PHE C 10 12.14 7.18 -10.78
CA PHE C 10 10.86 6.83 -10.18
C PHE C 10 11.00 5.64 -9.24
N ILE C 11 11.82 4.65 -9.62
CA ILE C 11 12.04 3.50 -8.73
C ILE C 11 12.74 3.95 -7.46
N SER C 12 13.74 4.81 -7.59
CA SER C 12 14.44 5.31 -6.40
C SER C 12 13.50 6.10 -5.51
N LEU C 13 12.64 6.94 -6.10
CA LEU C 13 11.68 7.70 -5.32
C LEU C 13 10.67 6.79 -4.64
N LEU C 14 10.25 5.73 -5.33
CA LEU C 14 9.34 4.76 -4.72
C LEU C 14 9.99 4.07 -3.54
N LEU C 15 11.27 3.70 -3.68
CA LEU C 15 11.98 3.08 -2.55
C LEU C 15 12.08 4.04 -1.38
N ILE C 16 12.42 5.30 -1.65
CA ILE C 16 12.54 6.29 -0.58
C ILE C 16 11.19 6.50 0.11
N ALA C 17 10.12 6.62 -0.67
CA ALA C 17 8.80 6.82 -0.10
C ALA C 17 8.35 5.60 0.71
N ALA C 18 8.63 4.39 0.20
CA ALA C 18 8.24 3.19 0.92
C ALA C 18 8.98 3.09 2.24
N VAL C 19 10.27 3.40 2.25
CA VAL C 19 11.03 3.34 3.51
C VAL C 19 10.60 4.44 4.48
N GLU C 20 10.31 5.63 3.95
CA GLU C 20 9.84 6.71 4.82
C GLU C 20 8.49 6.35 5.43
N TYR C 21 7.58 5.76 4.64
CA TYR C 21 6.30 5.33 5.17
C TYR C 21 6.46 4.17 6.15
N PHE C 22 7.44 3.28 5.92
CA PHE C 22 7.72 2.22 6.87
C PHE C 22 8.17 2.79 8.20
N LYS C 23 9.06 3.79 8.17
CA LYS C 23 9.50 4.43 9.40
C LYS C 23 8.34 5.13 10.09
N TYR C 24 7.51 5.85 9.32
CA TYR C 24 6.38 6.57 9.90
C TYR C 24 5.38 5.61 10.54
N GLY C 25 5.07 4.52 9.85
CA GLY C 25 4.13 3.55 10.41
C GLY C 25 4.69 2.85 11.62
N THR C 26 5.97 2.48 11.61
CA THR C 26 6.56 1.84 12.77
C THR C 26 6.58 2.77 13.97
N ARG C 27 6.91 4.04 13.76
CA ARG C 27 6.90 5.00 14.86
C ARG C 27 5.47 5.22 15.37
N ILE C 28 4.51 5.35 14.46
CA ILE C 28 3.14 5.63 14.86
C ILE C 28 2.47 4.37 15.42
N ASN C 29 2.69 3.22 14.79
CA ASN C 29 2.06 1.97 15.18
C ASN C 29 3.06 1.02 15.84
N TYR C 30 3.95 1.55 16.68
CA TYR C 30 4.91 0.70 17.38
C TYR C 30 4.23 -0.22 18.39
N GLU C 31 3.03 0.13 18.86
CA GLU C 31 2.30 -0.74 19.76
C GLU C 31 1.90 -2.05 19.09
N TRP C 32 1.76 -2.06 17.77
CA TRP C 32 1.50 -3.32 17.07
C TRP C 32 2.74 -4.20 17.04
N PHE C 33 3.90 -3.61 16.79
CA PHE C 33 5.13 -4.40 16.67
C PHE C 33 5.61 -4.89 18.03
N HIS C 34 5.57 -4.03 19.05
CA HIS C 34 6.17 -4.36 20.33
C HIS C 34 5.19 -4.97 21.33
N CYS C 35 3.94 -4.53 21.32
CA CYS C 35 2.97 -4.95 22.32
C CYS C 35 2.01 -5.97 21.74
N THR C 36 1.90 -7.13 22.40
CA THR C 36 0.96 -8.17 22.02
C THR C 36 -0.20 -8.16 23.01
N PRO C 37 -1.43 -7.87 22.56
CA PRO C 37 -2.56 -7.80 23.50
C PRO C 37 -2.81 -9.15 24.16
N ILE C 38 -3.19 -9.10 25.44
CA ILE C 38 -3.51 -10.27 26.23
C ILE C 38 -4.93 -10.13 26.73
N LYS C 39 -5.77 -11.14 26.46
CA LYS C 39 -7.17 -11.12 26.83
C LYS C 39 -7.46 -12.24 27.82
N GLU C 40 -8.15 -11.91 28.89
CA GLU C 40 -8.54 -12.88 29.92
C GLU C 40 -10.06 -12.79 30.09
N PRO C 41 -10.82 -13.56 29.31
CA PRO C 41 -12.27 -13.48 29.38
C PRO C 41 -12.80 -13.82 30.76
N GLN C 42 -13.83 -13.09 31.19
CA GLN C 42 -14.46 -13.30 32.48
C GLN C 42 -15.96 -13.57 32.39
N SER C 43 -16.57 -13.42 31.21
CA SER C 43 -18.00 -13.61 31.04
C SER C 43 -18.25 -13.82 29.54
N GLY C 44 -19.53 -13.74 29.15
CA GLY C 44 -19.87 -13.89 27.75
C GLY C 44 -19.20 -12.85 26.87
N SER C 45 -19.06 -11.62 27.37
CA SER C 45 -18.42 -10.56 26.61
C SER C 45 -17.39 -9.75 27.41
N VAL C 46 -17.33 -9.90 28.73
CA VAL C 46 -16.37 -9.17 29.54
C VAL C 46 -15.02 -9.87 29.45
N ILE C 47 -13.99 -9.12 29.04
CA ILE C 47 -12.63 -9.63 28.97
C ILE C 47 -11.71 -8.65 29.67
N LYS C 48 -10.81 -9.16 30.51
CA LYS C 48 -9.77 -8.33 31.11
C LYS C 48 -8.60 -8.24 30.13
N LEU C 49 -8.34 -7.04 29.63
CA LEU C 49 -7.45 -6.85 28.50
C LEU C 49 -6.29 -5.96 28.89
N TRP C 50 -5.08 -6.35 28.49
CA TRP C 50 -3.89 -5.53 28.64
C TRP C 50 -2.93 -5.89 27.51
N ALA C 51 -1.69 -5.43 27.62
CA ALA C 51 -0.68 -5.68 26.60
C ALA C 51 0.63 -6.09 27.25
N ARG C 52 1.42 -6.88 26.53
CA ARG C 52 2.71 -7.34 27.00
C ARG C 52 3.76 -7.10 25.93
N GLY C 53 4.95 -6.68 26.35
CA GLY C 53 6.01 -6.42 25.41
C GLY C 53 7.29 -6.04 26.12
N GLY C 54 8.30 -5.68 25.33
CA GLY C 54 9.59 -5.32 25.85
C GLY C 54 9.62 -3.92 26.41
N PRO C 55 10.82 -3.41 26.68
CA PRO C 55 10.93 -2.02 27.19
C PRO C 55 10.34 -0.99 26.26
N SER C 56 10.38 -1.23 24.95
CA SER C 56 9.76 -0.32 23.99
C SER C 56 8.24 -0.31 24.10
N CYS C 57 7.64 -1.32 24.73
CA CYS C 57 6.20 -1.34 24.97
C CYS C 57 5.91 -0.52 26.22
N ASP C 58 6.08 0.79 26.09
CA ASP C 58 5.88 1.70 27.20
C ASP C 58 4.39 1.84 27.51
N LYS C 59 4.07 2.72 28.46
CA LYS C 59 2.68 2.93 28.84
C LYS C 59 1.87 3.47 27.66
N ARG C 60 2.50 4.27 26.79
CA ARG C 60 1.79 4.75 25.60
C ARG C 60 1.44 3.59 24.68
N GLY C 61 2.38 2.68 24.45
CA GLY C 61 2.09 1.52 23.61
C GLY C 61 1.02 0.63 24.22
N GLU C 62 1.08 0.45 25.54
CA GLU C 62 0.06 -0.35 26.22
C GLU C 62 -1.33 0.28 26.08
N TYR C 63 -1.42 1.60 26.29
CA TYR C 63 -2.70 2.28 26.15
C TYR C 63 -3.22 2.21 24.73
N LYS C 64 -2.32 2.41 23.75
CA LYS C 64 -2.73 2.34 22.36
C LYS C 64 -3.23 0.95 21.99
N THR C 65 -2.52 -0.10 22.44
CA THR C 65 -2.96 -1.46 22.15
C THR C 65 -4.31 -1.76 22.80
N ILE C 66 -4.49 -1.33 24.04
CA ILE C 66 -5.75 -1.58 24.74
C ILE C 66 -6.90 -0.88 24.02
N VAL C 67 -6.71 0.39 23.66
CA VAL C 67 -7.76 1.13 22.98
C VAL C 67 -8.05 0.52 21.61
N LYS C 68 -7.00 0.12 20.89
CA LYS C 68 -7.18 -0.49 19.59
C LYS C 68 -7.98 -1.78 19.69
N ARG C 69 -7.64 -2.64 20.65
CA ARG C 69 -8.38 -3.89 20.80
C ARG C 69 -9.82 -3.64 21.22
N ILE C 70 -10.04 -2.69 22.13
CA ILE C 70 -11.41 -2.41 22.57
C ILE C 70 -12.25 -1.88 21.42
N THR C 71 -11.69 -0.99 20.60
CA THR C 71 -12.44 -0.38 19.51
C THR C 71 -12.51 -1.24 18.25
N ARG C 72 -11.70 -2.30 18.15
CA ARG C 72 -11.76 -3.17 16.99
C ARG C 72 -12.50 -4.48 17.25
N ASP C 73 -12.25 -5.13 18.38
CA ASP C 73 -12.88 -6.41 18.68
C ASP C 73 -14.32 -6.26 19.15
N TYR C 74 -14.78 -5.04 19.43
CA TYR C 74 -16.14 -4.79 19.89
C TYR C 74 -16.80 -3.79 18.96
N GLU C 75 -18.08 -4.02 18.65
CA GLU C 75 -18.83 -3.15 17.76
C GLU C 75 -19.91 -2.42 18.54
N PRO C 76 -19.71 -1.14 18.88
CA PRO C 76 -20.76 -0.41 19.61
C PRO C 76 -22.05 -0.26 18.83
N ASN C 77 -21.99 -0.29 17.49
CA ASN C 77 -23.21 -0.19 16.69
C ASN C 77 -24.12 -1.38 16.94
N ASP C 78 -23.56 -2.58 17.00
CA ASP C 78 -24.36 -3.76 17.32
C ASP C 78 -24.86 -3.71 18.76
N GLU C 79 -24.00 -3.29 19.69
CA GLU C 79 -24.35 -3.22 21.11
C GLU C 79 -23.43 -2.23 21.79
N HIS C 80 -24.03 -1.29 22.54
CA HIS C 80 -23.24 -0.22 23.14
C HIS C 80 -22.23 -0.77 24.14
N LEU C 81 -21.02 -0.23 24.09
CA LEU C 81 -19.92 -0.72 24.89
C LEU C 81 -19.93 -0.12 26.29
N SER C 82 -19.10 -0.70 27.17
CA SER C 82 -18.91 -0.17 28.51
C SER C 82 -17.57 -0.71 29.02
N PHE C 83 -16.59 0.17 29.17
CA PHE C 83 -15.25 -0.25 29.54
C PHE C 83 -14.63 0.80 30.47
N CYS C 84 -13.49 0.42 31.06
CA CYS C 84 -12.72 1.34 31.89
C CYS C 84 -11.26 0.91 31.82
N ILE C 85 -10.36 1.89 31.78
CA ILE C 85 -8.92 1.65 31.75
C ILE C 85 -8.36 2.07 33.10
N ILE C 86 -7.66 1.14 33.77
CA ILE C 86 -7.15 1.34 35.11
C ILE C 86 -5.63 1.48 35.05
N GLU C 87 -5.12 2.58 35.58
CA GLU C 87 -3.69 2.79 35.64
C GLU C 87 -3.05 1.96 36.74
N ASN C 88 -1.84 1.47 36.47
CA ASN C 88 -1.00 0.85 37.49
C ASN C 88 0.10 1.84 37.81
N ASP C 89 -0.18 2.77 38.72
CA ASP C 89 0.72 3.87 39.01
C ASP C 89 1.97 3.43 39.77
N ASN C 90 2.02 2.18 40.24
CA ASN C 90 3.17 1.71 40.99
C ASN C 90 4.36 1.37 40.11
N VAL C 91 4.22 1.43 38.79
CA VAL C 91 5.30 1.08 37.87
C VAL C 91 5.61 2.29 36.98
N PRO C 92 6.84 2.42 36.50
CA PRO C 92 7.17 3.53 35.60
C PRO C 92 6.65 3.26 34.20
N PRO C 93 6.63 4.27 33.33
CA PRO C 93 6.17 4.04 31.95
C PRO C 93 7.04 3.07 31.17
N VAL C 94 8.27 2.80 31.61
CA VAL C 94 9.19 1.92 30.88
C VAL C 94 9.43 0.67 31.73
N HIS C 95 8.40 0.27 32.47
CA HIS C 95 8.55 -0.80 33.46
C HIS C 95 8.93 -2.13 32.82
N TYR C 96 8.38 -2.43 31.64
CA TYR C 96 8.55 -3.75 31.05
C TYR C 96 10.02 -4.08 30.81
N PRO C 97 10.50 -5.23 31.26
CA PRO C 97 11.88 -5.64 30.98
C PRO C 97 12.00 -6.46 29.71
N ILE C 98 13.23 -6.68 29.25
CA ILE C 98 13.43 -7.43 28.01
C ILE C 98 13.10 -8.92 28.20
N HIS C 99 13.31 -9.43 29.41
CA HIS C 99 13.10 -10.86 29.64
C HIS C 99 11.61 -11.16 29.79
N GLU C 100 11.30 -12.45 29.93
CA GLU C 100 9.91 -12.89 29.93
C GLU C 100 9.17 -12.55 31.22
N ASP C 101 9.88 -12.33 32.32
CA ASP C 101 9.22 -11.99 33.57
C ASP C 101 8.78 -10.53 33.55
N LYS C 102 7.71 -10.23 32.81
CA LYS C 102 7.29 -8.85 32.63
C LYS C 102 6.78 -8.24 33.93
N GLY C 103 5.88 -8.93 34.61
CA GLY C 103 5.28 -8.43 35.83
C GLY C 103 3.89 -7.88 35.63
N GLU C 104 3.53 -6.95 36.50
CA GLU C 104 2.20 -6.34 36.46
C GLU C 104 2.13 -5.35 35.29
N PRO C 105 1.13 -5.45 34.42
CA PRO C 105 1.03 -4.51 33.31
C PRO C 105 0.73 -3.09 33.79
N GLY C 106 1.25 -2.12 33.03
CA GLY C 106 1.00 -0.74 33.37
C GLY C 106 -0.45 -0.33 33.17
N TYR C 107 -1.07 -0.80 32.10
CA TYR C 107 -2.46 -0.50 31.78
C TYR C 107 -3.25 -1.78 31.68
N VAL C 108 -4.39 -1.84 32.37
CA VAL C 108 -5.31 -2.98 32.32
C VAL C 108 -6.72 -2.44 32.18
N ALA C 109 -7.50 -3.03 31.27
CA ALA C 109 -8.84 -2.56 30.99
C ALA C 109 -9.82 -3.73 30.97
N TYR C 110 -11.03 -3.48 31.48
CA TYR C 110 -12.13 -4.43 31.41
C TYR C 110 -13.17 -3.86 30.46
N VAL C 111 -13.49 -4.62 29.41
CA VAL C 111 -14.41 -4.15 28.36
C VAL C 111 -15.49 -5.20 28.14
N GLY C 112 -16.73 -4.74 28.01
CA GLY C 112 -17.85 -5.64 27.78
C GLY C 112 -19.06 -4.87 27.29
N TYR C 113 -20.05 -5.62 26.83
CA TYR C 113 -21.27 -5.04 26.29
C TYR C 113 -22.18 -4.57 27.42
N ASP C 114 -23.35 -4.03 27.05
CA ASP C 114 -24.24 -3.42 28.02
C ASP C 114 -25.19 -4.41 28.69
N THR C 115 -25.40 -5.59 28.09
CA THR C 115 -26.22 -6.60 28.76
C THR C 115 -25.56 -7.07 30.05
N ASP C 116 -24.24 -7.24 30.02
CA ASP C 116 -23.45 -7.59 31.20
C ASP C 116 -22.67 -6.41 31.74
N SER C 117 -23.17 -5.20 31.55
CA SER C 117 -22.49 -3.99 32.02
C SER C 117 -22.38 -3.95 33.54
N GLU C 118 -23.23 -4.67 34.26
CA GLU C 118 -23.13 -4.72 35.71
C GLU C 118 -21.81 -5.32 36.15
N LEU C 119 -21.37 -6.39 35.49
CA LEU C 119 -20.09 -7.00 35.81
C LEU C 119 -18.93 -6.04 35.55
N VAL C 120 -18.99 -5.29 34.44
CA VAL C 120 -17.95 -4.31 34.16
C VAL C 120 -17.95 -3.22 35.23
N GLN C 121 -19.13 -2.75 35.62
CA GLN C 121 -19.22 -1.72 36.65
C GLN C 121 -18.67 -2.21 37.98
N GLU C 122 -18.89 -3.48 38.31
CA GLU C 122 -18.38 -4.05 39.55
C GLU C 122 -16.91 -4.41 39.49
N LEU C 123 -16.35 -4.61 38.29
CA LEU C 123 -14.94 -4.94 38.15
C LEU C 123 -14.05 -3.71 38.10
N CYS C 124 -14.59 -2.57 37.64
CA CYS C 124 -13.79 -1.36 37.52
C CYS C 124 -13.30 -0.85 38.87
N ALA C 125 -14.06 -1.10 39.93
CA ALA C 125 -13.70 -0.70 41.29
C ALA C 125 -13.50 0.81 41.37
N ASP C 126 -14.59 1.55 41.14
CA ASP C 126 -14.71 3.00 41.24
C ASP C 126 -14.04 3.73 40.08
N SER C 127 -13.38 3.03 39.16
CA SER C 127 -12.82 3.69 37.99
C SER C 127 -13.95 4.14 37.06
N THR C 128 -13.72 5.28 36.42
CA THR C 128 -14.74 5.84 35.52
C THR C 128 -14.93 4.93 34.31
N ILE C 129 -16.19 4.65 33.99
CA ILE C 129 -16.54 3.77 32.88
C ILE C 129 -16.82 4.64 31.67
N TYR C 130 -16.16 4.33 30.56
CA TYR C 130 -16.28 5.10 29.32
C TYR C 130 -17.23 4.37 28.39
N HIS C 131 -18.52 4.73 28.44
CA HIS C 131 -19.50 4.14 27.56
C HIS C 131 -19.24 4.54 26.11
N MET C 132 -19.50 3.61 25.21
CA MET C 132 -19.15 3.80 23.82
C MET C 132 -20.29 3.42 22.89
N ILE D 2 -0.57 -17.84 -22.72
CA ILE D 2 -1.26 -18.07 -21.46
C ILE D 2 -0.81 -17.04 -20.42
N PHE D 3 0.23 -16.27 -20.77
CA PHE D 3 0.70 -15.23 -19.88
C PHE D 3 -0.33 -14.13 -19.71
N ASN D 4 -1.14 -13.87 -20.74
CA ASN D 4 -2.22 -12.91 -20.61
C ASN D 4 -3.23 -13.34 -19.56
N LEU D 5 -3.52 -14.65 -19.50
CA LEU D 5 -4.42 -15.17 -18.47
C LEU D 5 -3.85 -14.91 -17.07
N PHE D 6 -2.56 -15.17 -16.88
CA PHE D 6 -1.94 -14.94 -15.58
C PHE D 6 -1.98 -13.46 -15.23
N ARG D 7 -1.68 -12.58 -16.20
CA ARG D 7 -1.72 -11.14 -15.94
C ARG D 7 -3.12 -10.67 -15.56
N VAL D 8 -4.14 -11.15 -16.29
CA VAL D 8 -5.51 -10.74 -16.01
C VAL D 8 -5.94 -11.23 -14.64
N CYS D 9 -5.64 -12.50 -14.31
CA CYS D 9 -6.00 -13.03 -13.01
C CYS D 9 -5.29 -12.29 -11.88
N PHE D 10 -4.00 -11.98 -12.08
CA PHE D 10 -3.25 -11.25 -11.06
C PHE D 10 -3.82 -9.85 -10.86
N ILE D 11 -4.17 -9.17 -11.95
CA ILE D 11 -4.73 -7.83 -11.84
C ILE D 11 -6.08 -7.87 -11.14
N SER D 12 -6.92 -8.84 -11.49
CA SER D 12 -8.22 -8.95 -10.84
C SER D 12 -8.08 -9.25 -9.36
N LEU D 13 -7.17 -10.17 -9.00
CA LEU D 13 -6.96 -10.48 -7.59
C LEU D 13 -6.38 -9.28 -6.85
N LEU D 14 -5.49 -8.52 -7.49
CA LEU D 14 -4.95 -7.32 -6.87
C LEU D 14 -6.05 -6.29 -6.63
N LEU D 15 -6.95 -6.11 -7.59
CA LEU D 15 -8.06 -5.18 -7.40
C LEU D 15 -8.98 -5.62 -6.28
N ILE D 16 -9.29 -6.92 -6.22
CA ILE D 16 -10.15 -7.44 -5.16
C ILE D 16 -9.48 -7.24 -3.79
N ALA D 17 -8.19 -7.56 -3.69
CA ALA D 17 -7.49 -7.39 -2.44
C ALA D 17 -7.40 -5.93 -2.04
N ALA D 18 -7.17 -5.04 -3.01
CA ALA D 18 -7.10 -3.61 -2.71
C ALA D 18 -8.44 -3.08 -2.20
N VAL D 19 -9.54 -3.51 -2.82
CA VAL D 19 -10.84 -3.04 -2.36
C VAL D 19 -11.18 -3.64 -0.99
N GLU D 20 -10.81 -4.90 -0.76
CA GLU D 20 -11.03 -5.50 0.56
C GLU D 20 -10.23 -4.78 1.63
N TYR D 21 -8.97 -4.42 1.33
CA TYR D 21 -8.17 -3.67 2.28
C TYR D 21 -8.72 -2.26 2.48
N PHE D 22 -9.26 -1.65 1.41
CA PHE D 22 -9.91 -0.35 1.56
C PHE D 22 -11.09 -0.43 2.52
N LYS D 23 -11.94 -1.45 2.35
CA LYS D 23 -13.07 -1.62 3.26
C LYS D 23 -12.59 -1.88 4.69
N TYR D 24 -11.58 -2.74 4.86
CA TYR D 24 -11.09 -3.06 6.19
C TYR D 24 -10.50 -1.84 6.87
N GLY D 25 -9.70 -1.06 6.14
CA GLY D 25 -9.11 0.14 6.73
C GLY D 25 -10.15 1.20 7.05
N THR D 26 -11.13 1.39 6.16
CA THR D 26 -12.18 2.36 6.43
C THR D 26 -13.01 1.96 7.64
N ARG D 27 -13.31 0.67 7.78
CA ARG D 27 -14.02 0.21 8.97
C ARG D 27 -13.17 0.39 10.22
N ILE D 28 -11.88 0.09 10.13
CA ILE D 28 -11.01 0.19 11.29
C ILE D 28 -10.68 1.65 11.59
N ASN D 29 -10.40 2.44 10.56
CA ASN D 29 -9.98 3.84 10.72
C ASN D 29 -11.08 4.81 10.26
N TYR D 30 -12.34 4.49 10.57
CA TYR D 30 -13.43 5.39 10.21
C TYR D 30 -13.37 6.72 10.94
N GLU D 31 -12.68 6.77 12.09
CA GLU D 31 -12.57 8.04 12.81
C GLU D 31 -11.75 9.06 12.02
N TRP D 32 -10.81 8.59 11.20
CA TRP D 32 -10.05 9.52 10.36
C TRP D 32 -10.94 10.17 9.31
N PHE D 33 -11.84 9.39 8.69
CA PHE D 33 -12.70 9.93 7.64
C PHE D 33 -13.84 10.75 8.21
N HIS D 34 -14.41 10.34 9.34
CA HIS D 34 -15.61 10.95 9.87
C HIS D 34 -15.34 11.99 10.95
N CYS D 35 -14.38 11.76 11.83
CA CYS D 35 -14.12 12.64 12.96
C CYS D 35 -12.97 13.59 12.63
N THR D 36 -13.22 14.89 12.77
CA THR D 36 -12.18 15.89 12.56
C THR D 36 -11.68 16.36 13.92
N PRO D 37 -10.42 16.08 14.28
CA PRO D 37 -9.93 16.48 15.59
C PRO D 37 -9.88 17.99 15.76
N ILE D 38 -10.13 18.44 16.97
CA ILE D 38 -10.05 19.85 17.34
C ILE D 38 -9.11 19.98 18.52
N LYS D 39 -8.11 20.86 18.39
CA LYS D 39 -7.14 21.12 19.44
C LYS D 39 -7.29 22.56 19.88
N GLU D 40 -7.87 22.76 21.07
CA GLU D 40 -8.07 24.09 21.64
C GLU D 40 -7.10 24.30 22.78
N PRO D 41 -5.94 24.93 22.55
CA PRO D 41 -4.95 25.08 23.62
C PRO D 41 -5.47 25.94 24.76
N GLN D 42 -5.10 25.57 25.98
CA GLN D 42 -5.45 26.32 27.18
C GLN D 42 -4.27 27.17 27.67
N SER D 43 -3.14 26.53 27.95
CA SER D 43 -1.92 27.20 28.38
C SER D 43 -0.79 26.21 28.35
N GLY D 44 0.39 26.67 27.95
CA GLY D 44 1.53 25.77 27.82
C GLY D 44 1.27 24.71 26.77
N SER D 45 1.47 23.44 27.14
CA SER D 45 1.24 22.32 26.24
C SER D 45 -0.11 21.65 26.46
N VAL D 46 -0.94 22.17 27.37
CA VAL D 46 -2.25 21.60 27.63
C VAL D 46 -3.23 22.09 26.57
N ILE D 47 -3.90 21.15 25.91
CA ILE D 47 -4.88 21.47 24.88
C ILE D 47 -6.17 20.72 25.19
N LYS D 48 -7.31 21.41 25.05
CA LYS D 48 -8.62 20.78 25.17
C LYS D 48 -8.94 20.10 23.85
N LEU D 49 -8.84 18.78 23.80
CA LEU D 49 -8.86 18.02 22.57
C LEU D 49 -10.14 17.21 22.47
N TRP D 50 -10.81 17.31 21.32
CA TRP D 50 -11.99 16.51 21.02
C TRP D 50 -12.10 16.39 19.51
N ALA D 51 -13.20 15.82 19.03
CA ALA D 51 -13.42 15.63 17.60
C ALA D 51 -14.87 15.92 17.27
N ARG D 52 -15.11 16.31 16.02
CA ARG D 52 -16.44 16.60 15.53
C ARG D 52 -16.64 15.96 14.16
N GLY D 53 -17.89 15.68 13.84
CA GLY D 53 -18.20 15.04 12.57
C GLY D 53 -19.67 14.78 12.46
N GLY D 54 -20.02 13.88 11.53
CA GLY D 54 -21.40 13.50 11.31
C GLY D 54 -21.86 12.41 12.28
N PRO D 55 -23.03 11.83 12.00
CA PRO D 55 -23.51 10.74 12.86
C PRO D 55 -22.59 9.54 12.89
N SER D 56 -21.78 9.34 11.85
CA SER D 56 -20.80 8.27 11.85
C SER D 56 -19.68 8.51 12.86
N CYS D 57 -19.53 9.74 13.36
CA CYS D 57 -18.55 10.04 14.39
C CYS D 57 -19.20 9.87 15.77
N ASP D 58 -19.41 8.61 16.13
CA ASP D 58 -20.03 8.27 17.40
C ASP D 58 -18.99 8.42 18.51
N LYS D 59 -19.34 7.95 19.72
CA LYS D 59 -18.41 8.05 20.84
C LYS D 59 -17.15 7.23 20.60
N ARG D 60 -17.27 6.09 19.90
CA ARG D 60 -16.08 5.33 19.56
C ARG D 60 -15.15 6.11 18.65
N GLY D 61 -15.70 6.78 17.63
CA GLY D 61 -14.87 7.57 16.75
C GLY D 61 -14.20 8.73 17.46
N GLU D 62 -14.94 9.42 18.33
CA GLU D 62 -14.36 10.51 19.11
C GLU D 62 -13.25 10.01 20.01
N TYR D 63 -13.47 8.88 20.69
CA TYR D 63 -12.46 8.32 21.57
C TYR D 63 -11.21 7.92 20.79
N LYS D 64 -11.40 7.27 19.63
CA LYS D 64 -10.26 6.85 18.83
C LYS D 64 -9.48 8.05 18.33
N THR D 65 -10.17 9.10 17.86
CA THR D 65 -9.48 10.30 17.39
C THR D 65 -8.72 10.97 18.53
N ILE D 66 -9.35 11.04 19.72
CA ILE D 66 -8.70 11.66 20.86
C ILE D 66 -7.45 10.89 21.24
N VAL D 67 -7.54 9.56 21.30
CA VAL D 67 -6.38 8.76 21.66
C VAL D 67 -5.27 8.88 20.62
N LYS D 68 -5.65 8.87 19.33
CA LYS D 68 -4.65 9.01 18.28
C LYS D 68 -3.93 10.35 18.38
N ARG D 69 -4.67 11.44 18.58
CA ARG D 69 -4.05 12.75 18.68
C ARG D 69 -3.17 12.84 19.93
N ILE D 70 -3.63 12.29 21.06
CA ILE D 70 -2.86 12.35 22.29
C ILE D 70 -1.55 11.60 22.14
N THR D 71 -1.59 10.40 21.56
CA THR D 71 -0.40 9.58 21.43
C THR D 71 0.46 9.94 20.22
N ARG D 72 -0.04 10.81 19.34
CA ARG D 72 0.72 11.21 18.15
C ARG D 72 1.35 12.59 18.28
N ASP D 73 0.55 13.60 18.67
CA ASP D 73 1.07 14.96 18.78
C ASP D 73 2.01 15.12 19.96
N TYR D 74 1.97 14.21 20.93
CA TYR D 74 2.78 14.30 22.13
C TYR D 74 3.74 13.11 22.20
N GLU D 75 4.99 13.38 22.55
CA GLU D 75 6.01 12.35 22.63
C GLU D 75 6.34 12.05 24.08
N PRO D 76 5.91 10.92 24.64
CA PRO D 76 6.26 10.60 26.03
C PRO D 76 7.75 10.44 26.26
N ASN D 77 8.51 10.00 25.24
CA ASN D 77 9.94 9.84 25.40
C ASN D 77 10.63 11.17 25.69
N ASP D 78 10.23 12.22 24.97
CA ASP D 78 10.76 13.54 25.25
C ASP D 78 10.34 14.02 26.64
N GLU D 79 9.09 13.78 27.01
CA GLU D 79 8.57 14.18 28.31
C GLU D 79 7.28 13.40 28.59
N HIS D 80 7.16 12.89 29.81
CA HIS D 80 6.02 12.07 30.17
C HIS D 80 4.74 12.91 30.18
N LEU D 81 3.67 12.34 29.62
CA LEU D 81 2.40 13.02 29.49
C LEU D 81 1.57 12.93 30.77
N SER D 82 0.48 13.69 30.79
CA SER D 82 -0.50 13.60 31.87
C SER D 82 -1.82 14.12 31.31
N PHE D 83 -2.73 13.20 30.95
CA PHE D 83 -3.97 13.59 30.29
C PHE D 83 -5.15 12.97 31.01
N CYS D 84 -6.35 13.33 30.55
CA CYS D 84 -7.58 12.72 31.01
C CYS D 84 -8.60 12.79 29.87
N ILE D 85 -9.58 11.90 29.92
CA ILE D 85 -10.67 11.87 28.95
C ILE D 85 -11.99 11.94 29.72
N ILE D 86 -12.84 12.88 29.35
CA ILE D 86 -14.10 13.14 30.04
C ILE D 86 -15.25 12.75 29.13
N GLU D 87 -16.15 11.92 29.63
CA GLU D 87 -17.30 11.47 28.88
C GLU D 87 -18.49 12.41 29.11
N ASN D 88 -19.22 12.69 28.04
CA ASN D 88 -20.44 13.49 28.13
C ASN D 88 -21.62 12.53 28.26
N ASP D 89 -22.06 12.32 29.51
CA ASP D 89 -23.14 11.36 29.76
C ASP D 89 -24.49 11.85 29.25
N ASN D 90 -24.62 13.16 28.98
CA ASN D 90 -25.91 13.70 28.58
C ASN D 90 -26.28 13.34 27.13
N VAL D 91 -25.31 12.93 26.33
CA VAL D 91 -25.57 12.64 24.92
C VAL D 91 -25.53 11.14 24.67
N PRO D 92 -26.25 10.63 23.68
CA PRO D 92 -26.17 9.20 23.35
C PRO D 92 -24.84 8.88 22.68
N PRO D 93 -24.52 7.59 22.50
CA PRO D 93 -23.27 7.25 21.80
C PRO D 93 -23.18 7.85 20.41
N VAL D 94 -24.29 7.97 19.69
CA VAL D 94 -24.34 8.66 18.41
C VAL D 94 -25.26 9.86 18.55
N HIS D 95 -24.70 11.06 18.44
CA HIS D 95 -25.45 12.29 18.64
C HIS D 95 -25.20 13.37 17.60
N TYR D 96 -24.12 13.30 16.83
CA TYR D 96 -23.78 14.38 15.92
C TYR D 96 -24.75 14.42 14.74
N PRO D 97 -25.38 15.57 14.47
CA PRO D 97 -26.28 15.66 13.32
C PRO D 97 -25.57 16.07 12.04
N ILE D 98 -26.32 16.15 10.94
CA ILE D 98 -25.76 16.61 9.67
C ILE D 98 -25.37 18.08 9.76
N HIS D 99 -26.16 18.88 10.49
CA HIS D 99 -25.95 20.32 10.55
C HIS D 99 -24.59 20.65 11.14
N GLU D 100 -24.01 21.77 10.69
CA GLU D 100 -22.69 22.19 11.12
C GLU D 100 -22.64 22.65 12.56
N ASP D 101 -23.78 22.89 13.20
CA ASP D 101 -23.78 23.32 14.59
C ASP D 101 -23.40 22.20 15.54
N LYS D 102 -23.74 20.96 15.19
CA LYS D 102 -23.42 19.78 16.00
C LYS D 102 -23.93 19.94 17.43
N GLY D 103 -23.00 19.99 18.39
CA GLY D 103 -23.38 20.13 19.78
C GLY D 103 -22.20 19.88 20.68
N GLU D 104 -22.49 19.60 21.94
CA GLU D 104 -21.43 19.31 22.90
C GLU D 104 -20.81 17.96 22.57
N PRO D 105 -19.49 17.87 22.40
CA PRO D 105 -18.88 16.60 22.04
C PRO D 105 -19.01 15.58 23.15
N GLY D 106 -19.11 14.31 22.73
CA GLY D 106 -19.24 13.23 23.71
C GLY D 106 -17.99 13.05 24.55
N TYR D 107 -16.82 13.18 23.94
CA TYR D 107 -15.55 12.96 24.60
C TYR D 107 -14.69 14.21 24.51
N VAL D 108 -14.21 14.69 25.67
CA VAL D 108 -13.35 15.86 25.75
C VAL D 108 -12.11 15.47 26.54
N ALA D 109 -10.94 15.76 25.98
CA ALA D 109 -9.68 15.37 26.59
C ALA D 109 -8.77 16.59 26.77
N TYR D 110 -8.13 16.66 27.93
CA TYR D 110 -7.08 17.63 28.21
C TYR D 110 -5.77 16.88 28.35
N VAL D 111 -4.81 17.16 27.47
CA VAL D 111 -3.53 16.47 27.43
C VAL D 111 -2.41 17.49 27.54
N GLY D 112 -1.47 17.23 28.45
CA GLY D 112 -0.35 18.14 28.66
C GLY D 112 0.90 17.37 29.05
N TYR D 113 2.03 18.07 29.03
CA TYR D 113 3.31 17.46 29.34
C TYR D 113 3.52 17.47 30.86
N ASP D 114 4.75 17.16 31.29
CA ASP D 114 5.03 17.01 32.71
C ASP D 114 5.00 18.34 33.45
N THR D 115 5.63 19.38 32.88
CA THR D 115 5.63 20.68 33.53
C THR D 115 4.24 21.31 33.58
N ASP D 116 3.33 20.87 32.72
CA ASP D 116 1.96 21.35 32.71
C ASP D 116 1.00 20.40 33.42
N SER D 117 1.52 19.43 34.16
CA SER D 117 0.67 18.48 34.87
C SER D 117 -0.18 19.16 35.92
N GLU D 118 0.33 20.23 36.54
CA GLU D 118 -0.45 20.94 37.54
C GLU D 118 -1.66 21.62 36.92
N LEU D 119 -1.54 22.10 35.68
CA LEU D 119 -2.68 22.72 35.01
C LEU D 119 -3.72 21.69 34.59
N VAL D 120 -3.26 20.56 34.02
CA VAL D 120 -4.20 19.55 33.56
C VAL D 120 -4.87 18.87 34.74
N GLN D 121 -4.20 18.78 35.89
CA GLN D 121 -4.82 18.19 37.07
C GLN D 121 -6.01 19.00 37.54
N GLU D 122 -5.89 20.33 37.54
CA GLU D 122 -7.00 21.18 37.92
C GLU D 122 -8.05 21.30 36.80
N LEU D 123 -7.63 21.13 35.55
CA LEU D 123 -8.58 21.20 34.44
C LEU D 123 -9.47 19.96 34.40
N CYS D 124 -8.90 18.79 34.70
CA CYS D 124 -9.69 17.56 34.71
C CYS D 124 -10.60 17.46 35.91
N ALA D 125 -10.35 18.24 36.96
CA ALA D 125 -11.16 18.25 38.19
C ALA D 125 -11.13 16.84 38.78
N ASP D 126 -12.27 16.18 38.95
CA ASP D 126 -12.33 14.87 39.58
C ASP D 126 -12.12 13.72 38.61
N SER D 127 -12.00 13.99 37.32
CA SER D 127 -11.77 12.94 36.34
C SER D 127 -10.39 12.31 36.54
N THR D 128 -10.32 11.01 36.32
CA THR D 128 -9.06 10.30 36.48
C THR D 128 -8.03 10.77 35.47
N ILE D 129 -6.82 11.05 35.94
CA ILE D 129 -5.73 11.55 35.12
C ILE D 129 -4.78 10.40 34.83
N TYR D 130 -4.56 10.12 33.56
CA TYR D 130 -3.66 9.05 33.14
C TYR D 130 -2.26 9.59 32.88
N HIS D 131 -1.29 8.70 32.93
CA HIS D 131 0.09 9.01 32.60
C HIS D 131 0.54 8.16 31.43
N MET D 132 1.43 8.71 30.61
CA MET D 132 1.71 8.13 29.30
C MET D 132 3.20 7.92 29.08
#